data_5CGT
#
_entry.id   5CGT
#
_cell.length_a   93.500
_cell.length_b   104.900
_cell.length_c   113.800
_cell.angle_alpha   90.00
_cell.angle_beta   90.00
_cell.angle_gamma   90.00
#
_symmetry.space_group_name_H-M   'P 21 21 21'
#
loop_
_entity.id
_entity.type
_entity.pdbx_description
1 polymer 'CYCLODEXTRIN GLYCOSYLTRANSFERASE'
2 branched alpha-D-glucopyranose-(1-4)-beta-D-glucopyranose
3 non-polymer alpha-D-glucopyranose
4 non-polymer 'CALCIUM ION'
5 water water
#
_entity_poly.entity_id   1
_entity_poly.type   'polypeptide(L)'
_entity_poly.pdbx_seq_one_letter_code
;DPDTAVTNKQSFSTDVIYQVFTDRFLDGNPSNNPTGAAYDATCSNLKLYCGGDWQGLINKINDNYFSDLGVTALWISQPV
ENIFATINYSGVTNTAYHGYWARDFKKTNPYFGTMADFQNLITTAHAKGIKIVIDFAPNHTSPAMETDTSFAENGRLYDN
GTLVGGYTNDTNGYFHHNGGSDFSSLENGIYKNLYDLADFNHNNATIDKYFKDAIKLWLDMGVDGIRVAAVKHMPLGWQK
SWMSSIYAHKPVFTFGEWFLGSAASDADNTDFANKSGMSLLDFRFNSAVRNVFRDNTSNMYALDSMINSTATDYNQVNDQ
VTFIDNHDMDRFKTSAVNNRRLEQALAFTLTSRGVPAIYYGTEQYLTGNGDPDNRAKMPSFSKSTTAFNVISKLAPLRKS
NPAIAYGSTQQRWINNDVYVYERKFGKSVAVVAVNRNLSTSASITGLSTSLPTGSYTDVLGGVLNGNNITSTNGSINNFT
LAAGATAVWQYTTAETTPTIGHVGPVMGKPGNVVTIDGRGFGSTKGTVYFGTTAVTGAAITSWEDTQIKVTIPSVAAGNY
AVKVAASGVNSNAYNNFTILTGDQVTVRFVVNNASTTLGQNLYLTGNVAELGNWSTGSTAIGPAFNQVIHQYPTWYYDVS
VPAGKQLEFKFFKKNGSTITWESGSNHTFTTPASGTATVTVNWQ
;
_entity_poly.pdbx_strand_id   A
#
# COMPACT_ATOMS: atom_id res chain seq x y z
N ASP A 1 -20.67 13.26 -1.33
CA ASP A 1 -19.32 13.79 -0.92
C ASP A 1 -18.32 13.80 -2.06
N PRO A 2 -17.48 14.82 -2.10
CA PRO A 2 -16.50 14.84 -3.18
C PRO A 2 -15.41 13.74 -2.95
N ASP A 3 -14.66 13.45 -4.02
CA ASP A 3 -13.57 12.46 -4.02
C ASP A 3 -12.58 12.90 -2.95
N THR A 4 -12.62 14.20 -2.73
CA THR A 4 -11.78 14.91 -1.83
C THR A 4 -12.07 14.86 -0.33
N ALA A 5 -13.23 14.34 0.04
CA ALA A 5 -13.62 14.25 1.45
C ALA A 5 -12.93 13.16 2.24
N VAL A 6 -12.89 13.31 3.57
CA VAL A 6 -12.28 12.32 4.44
C VAL A 6 -13.19 11.09 4.46
N THR A 7 -14.40 11.29 3.96
CA THR A 7 -15.38 10.25 3.86
C THR A 7 -14.96 9.20 2.83
N ASN A 8 -13.95 9.54 2.03
CA ASN A 8 -13.48 8.65 0.97
C ASN A 8 -12.44 7.63 1.39
N LYS A 9 -12.90 6.58 2.03
CA LYS A 9 -12.03 5.50 2.50
C LYS A 9 -11.48 4.66 1.36
N GLN A 10 -12.08 4.80 0.19
CA GLN A 10 -11.67 4.00 -0.96
C GLN A 10 -10.55 4.57 -1.81
N SER A 11 -10.18 5.83 -1.59
CA SER A 11 -9.11 6.45 -2.36
C SER A 11 -8.24 7.47 -1.60
N PHE A 12 -6.92 7.27 -1.66
CA PHE A 12 -5.98 8.18 -1.01
C PHE A 12 -5.14 9.00 -1.98
N SER A 13 -5.51 9.01 -3.26
CA SER A 13 -4.74 9.78 -4.26
C SER A 13 -4.65 11.29 -3.95
N THR A 14 -5.71 11.84 -3.35
CA THR A 14 -5.78 13.26 -3.01
C THR A 14 -5.20 13.56 -1.62
N ASP A 15 -4.74 12.52 -0.93
CA ASP A 15 -4.22 12.65 0.42
C ASP A 15 -2.73 12.58 0.50
N VAL A 16 -2.22 13.03 1.65
CA VAL A 16 -0.80 12.99 1.96
C VAL A 16 -0.80 12.27 3.32
N ILE A 17 -0.14 11.10 3.37
CA ILE A 17 -0.07 10.27 4.58
C ILE A 17 1.10 10.63 5.51
N TYR A 18 0.88 10.65 6.82
CA TYR A 18 1.97 10.95 7.76
C TYR A 18 2.18 9.67 8.55
N GLN A 19 3.32 9.01 8.33
CA GLN A 19 3.61 7.75 9.00
C GLN A 19 4.23 8.01 10.35
N VAL A 20 3.51 7.63 11.40
CA VAL A 20 3.99 7.84 12.76
C VAL A 20 4.11 6.59 13.65
N PHE A 21 5.24 6.48 14.32
CA PHE A 21 5.50 5.39 15.27
C PHE A 21 4.87 5.96 16.54
N THR A 22 3.66 5.51 16.85
CA THR A 22 2.92 5.98 18.00
C THR A 22 3.75 6.23 19.23
N ASP A 23 4.61 5.28 19.57
CA ASP A 23 5.44 5.40 20.76
C ASP A 23 6.45 6.53 20.79
N ARG A 24 6.97 6.94 19.62
CA ARG A 24 8.00 7.98 19.52
C ARG A 24 7.51 9.40 19.18
N PHE A 25 6.21 9.58 19.11
CA PHE A 25 5.69 10.90 18.78
C PHE A 25 5.39 11.77 19.99
N LEU A 26 4.29 11.48 20.70
CA LEU A 26 3.92 12.28 21.86
C LEU A 26 3.15 11.48 22.91
N ASP A 27 3.59 11.60 24.16
CA ASP A 27 2.98 10.95 25.33
C ASP A 27 1.91 11.87 25.93
N GLY A 28 0.72 11.83 25.39
CA GLY A 28 -0.34 12.69 25.90
C GLY A 28 -0.88 12.22 27.23
N ASN A 29 -0.58 10.97 27.54
CA ASN A 29 -1.02 10.34 28.77
C ASN A 29 0.10 9.45 29.35
N PRO A 30 0.65 9.86 30.51
CA PRO A 30 1.72 9.16 31.23
C PRO A 30 1.23 7.99 32.09
N SER A 31 -0.04 8.04 32.47
CA SER A 31 -0.67 7.02 33.31
C SER A 31 -0.64 5.64 32.68
N ASN A 32 -0.77 5.61 31.36
CA ASN A 32 -0.77 4.36 30.62
C ASN A 32 0.64 3.85 30.28
N ASN A 33 1.70 4.52 30.77
CA ASN A 33 3.09 4.15 30.48
C ASN A 33 3.56 2.85 31.08
N PRO A 34 4.47 2.15 30.37
CA PRO A 34 4.98 0.89 30.88
C PRO A 34 5.80 1.16 32.16
N THR A 35 6.12 0.08 32.87
CA THR A 35 6.88 0.12 34.12
C THR A 35 8.12 -0.76 34.08
N GLY A 36 9.17 -0.30 34.74
CA GLY A 36 10.39 -1.08 34.82
C GLY A 36 11.29 -1.07 33.62
N ALA A 37 11.98 -2.19 33.39
CA ALA A 37 12.91 -2.33 32.28
C ALA A 37 12.32 -1.96 30.92
N ALA A 38 11.00 -2.07 30.79
CA ALA A 38 10.34 -1.77 29.54
C ALA A 38 10.18 -0.28 29.24
N TYR A 39 10.36 0.57 30.25
CA TYR A 39 10.14 2.00 30.06
C TYR A 39 11.37 2.89 30.20
N ASP A 40 11.43 3.93 29.38
CA ASP A 40 12.55 4.88 29.44
C ASP A 40 12.09 6.26 29.09
N ALA A 41 11.85 7.08 30.10
CA ALA A 41 11.37 8.44 29.90
C ALA A 41 12.24 9.33 29.01
N THR A 42 13.56 9.24 29.17
CA THR A 42 14.45 10.07 28.37
C THR A 42 14.48 9.65 26.92
N CYS A 43 13.93 8.47 26.66
CA CYS A 43 13.86 7.87 25.33
C CYS A 43 15.24 7.89 24.67
N SER A 44 16.22 7.45 25.45
CA SER A 44 17.59 7.38 25.01
C SER A 44 17.92 5.97 24.56
N ASN A 45 17.26 4.98 25.15
CA ASN A 45 17.44 3.58 24.75
C ASN A 45 16.27 3.33 23.80
N LEU A 46 16.59 3.44 22.54
CA LEU A 46 15.61 3.31 21.48
C LEU A 46 14.89 1.96 21.30
N LYS A 47 15.28 0.95 22.08
CA LYS A 47 14.66 -0.37 22.05
C LYS A 47 13.60 -0.50 23.12
N LEU A 48 13.42 0.56 23.92
CA LEU A 48 12.44 0.55 25.01
C LEU A 48 11.28 1.50 24.73
N TYR A 49 10.18 1.32 25.44
CA TYR A 49 9.01 2.18 25.26
C TYR A 49 9.38 3.61 25.66
N CYS A 50 8.73 4.59 25.09
CA CYS A 50 9.03 5.95 25.48
C CYS A 50 7.74 6.60 25.90
N GLY A 51 6.67 5.83 25.84
CA GLY A 51 5.36 6.32 26.23
C GLY A 51 4.49 7.02 25.19
N GLY A 52 4.92 7.17 23.93
CA GLY A 52 4.05 7.86 22.98
C GLY A 52 2.71 7.16 22.91
N ASP A 53 1.60 7.90 22.83
CA ASP A 53 0.27 7.26 22.78
C ASP A 53 -0.75 7.95 21.88
N TRP A 54 -1.98 7.42 21.85
CA TRP A 54 -3.02 8.00 21.01
C TRP A 54 -3.43 9.39 21.47
N GLN A 55 -3.42 9.61 22.78
CA GLN A 55 -3.77 10.93 23.30
C GLN A 55 -2.77 11.97 22.80
N GLY A 56 -1.53 11.56 22.61
CA GLY A 56 -0.50 12.45 22.11
C GLY A 56 -0.89 12.86 20.71
N LEU A 57 -1.30 11.87 19.91
CA LEU A 57 -1.73 12.11 18.56
C LEU A 57 -2.94 13.03 18.55
N ILE A 58 -3.91 12.74 19.42
CA ILE A 58 -5.12 13.55 19.52
C ILE A 58 -4.78 14.99 19.81
N ASN A 59 -3.86 15.20 20.75
CA ASN A 59 -3.44 16.53 21.15
C ASN A 59 -2.89 17.35 19.99
N LYS A 60 -2.05 16.72 19.16
CA LYS A 60 -1.47 17.43 18.01
C LYS A 60 -2.48 17.66 16.91
N ILE A 61 -3.53 16.84 16.88
CA ILE A 61 -4.56 17.02 15.87
C ILE A 61 -5.30 18.30 16.25
N ASN A 62 -5.69 18.36 17.51
CA ASN A 62 -6.42 19.50 18.03
C ASN A 62 -5.68 20.83 17.98
N ASP A 63 -4.36 20.83 18.12
CA ASP A 63 -3.65 22.09 18.02
C ASP A 63 -3.16 22.35 16.59
N ASN A 64 -3.85 21.72 15.64
CA ASN A 64 -3.53 21.87 14.22
C ASN A 64 -2.09 21.65 13.75
N TYR A 65 -1.25 20.92 14.48
CA TYR A 65 0.11 20.70 13.99
C TYR A 65 0.03 20.02 12.62
N PHE A 66 -0.81 18.98 12.51
CA PHE A 66 -0.98 18.25 11.28
C PHE A 66 -1.76 19.08 10.26
N SER A 67 -2.74 19.85 10.72
CA SER A 67 -3.54 20.66 9.80
C SER A 67 -2.68 21.75 9.21
N ASP A 68 -1.70 22.25 9.95
CA ASP A 68 -0.85 23.30 9.41
C ASP A 68 0.22 22.71 8.52
N LEU A 69 0.60 21.46 8.78
CA LEU A 69 1.61 20.79 7.99
C LEU A 69 1.00 20.33 6.65
N GLY A 70 -0.31 20.10 6.62
CA GLY A 70 -0.96 19.70 5.38
C GLY A 70 -1.29 18.23 5.20
N VAL A 71 -0.80 17.40 6.11
CA VAL A 71 -1.08 15.97 6.02
C VAL A 71 -2.57 15.72 6.22
N THR A 72 -3.12 14.79 5.44
CA THR A 72 -4.53 14.46 5.52
C THR A 72 -4.83 13.06 6.01
N ALA A 73 -3.81 12.29 6.31
CA ALA A 73 -4.03 10.96 6.81
C ALA A 73 -2.88 10.64 7.69
N LEU A 74 -3.14 9.78 8.67
CA LEU A 74 -2.13 9.36 9.61
C LEU A 74 -2.03 7.84 9.59
N TRP A 75 -0.83 7.33 9.39
CA TRP A 75 -0.63 5.89 9.37
C TRP A 75 0.06 5.58 10.72
N ILE A 76 -0.63 4.81 11.55
CA ILE A 76 -0.09 4.52 12.87
C ILE A 76 0.40 3.09 13.06
N SER A 77 1.11 2.86 14.17
CA SER A 77 1.62 1.53 14.52
C SER A 77 0.44 0.59 14.65
N GLN A 78 0.66 -0.71 14.50
CA GLN A 78 -0.41 -1.69 14.64
C GLN A 78 -1.05 -1.47 16.01
N PRO A 79 -2.37 -1.24 16.04
CA PRO A 79 -3.08 -0.99 17.31
C PRO A 79 -3.32 -2.12 18.27
N VAL A 80 -3.18 -3.36 17.80
CA VAL A 80 -3.47 -4.53 18.61
C VAL A 80 -2.55 -4.80 19.77
N GLU A 81 -3.05 -5.55 20.76
CA GLU A 81 -2.29 -5.89 21.96
C GLU A 81 -1.05 -6.72 21.63
N ASN A 82 0.11 -6.28 22.11
CA ASN A 82 1.36 -6.99 21.86
C ASN A 82 1.80 -7.77 23.09
N ILE A 83 2.85 -8.59 22.94
CA ILE A 83 3.37 -9.35 24.06
C ILE A 83 3.87 -8.31 25.07
N PHE A 84 3.71 -8.62 26.37
CA PHE A 84 4.14 -7.76 27.47
C PHE A 84 5.57 -8.05 27.91
N ALA A 85 6.03 -9.28 27.68
CA ALA A 85 7.37 -9.71 28.04
C ALA A 85 8.45 -8.94 27.30
N THR A 86 9.62 -8.90 27.91
CA THR A 86 10.76 -8.21 27.35
C THR A 86 11.64 -9.31 26.73
N ILE A 87 12.41 -9.00 25.72
CA ILE A 87 13.21 -10.03 25.10
C ILE A 87 14.66 -9.59 25.14
N ASN A 88 15.55 -10.51 25.42
CA ASN A 88 16.95 -10.17 25.52
C ASN A 88 17.70 -10.76 24.36
N TYR A 89 18.12 -9.90 23.44
CA TYR A 89 18.87 -10.34 22.28
C TYR A 89 20.31 -10.00 22.47
N SER A 90 21.13 -11.02 22.67
CA SER A 90 22.57 -10.85 22.87
C SER A 90 22.88 -9.68 23.79
N GLY A 91 22.25 -9.70 24.96
CA GLY A 91 22.46 -8.67 25.95
C GLY A 91 21.59 -7.44 25.89
N VAL A 92 20.94 -7.17 24.76
CA VAL A 92 20.11 -5.97 24.69
C VAL A 92 18.59 -6.20 24.85
N THR A 93 18.04 -5.53 25.85
CA THR A 93 16.61 -5.61 26.16
C THR A 93 15.80 -4.94 25.06
N ASN A 94 14.90 -5.73 24.50
CA ASN A 94 14.03 -5.32 23.41
C ASN A 94 12.59 -5.40 23.86
N THR A 95 11.79 -4.42 23.45
CA THR A 95 10.37 -4.39 23.75
C THR A 95 9.55 -4.33 22.45
N ALA A 96 8.24 -4.52 22.59
CA ALA A 96 7.32 -4.46 21.45
C ALA A 96 6.78 -3.05 21.24
N TYR A 97 7.64 -2.03 21.37
CA TYR A 97 7.24 -0.63 21.19
C TYR A 97 6.67 -0.31 19.79
N HIS A 98 7.21 -0.99 18.80
CA HIS A 98 6.84 -0.83 17.40
C HIS A 98 5.47 -1.39 17.09
N GLY A 99 4.93 -2.23 17.97
CA GLY A 99 3.60 -2.76 17.76
C GLY A 99 3.49 -3.97 16.87
N TYR A 100 4.63 -4.49 16.40
CA TYR A 100 4.67 -5.65 15.49
C TYR A 100 4.77 -7.06 16.05
N TRP A 101 4.63 -7.24 17.35
CA TRP A 101 4.71 -8.56 17.95
C TRP A 101 3.42 -8.69 18.68
N ALA A 102 2.37 -8.94 17.91
CA ALA A 102 1.05 -9.04 18.46
C ALA A 102 0.76 -10.36 19.17
N ARG A 103 -0.19 -10.32 20.10
CA ARG A 103 -0.57 -11.52 20.79
C ARG A 103 -2.11 -11.60 20.81
N ASP A 104 -2.82 -10.48 20.58
CA ASP A 104 -4.29 -10.47 20.55
C ASP A 104 -4.84 -9.40 19.58
N PHE A 105 -5.28 -9.81 18.40
CA PHE A 105 -5.75 -8.82 17.44
C PHE A 105 -7.12 -8.22 17.75
N LYS A 106 -7.83 -8.81 18.70
CA LYS A 106 -9.13 -8.31 19.10
C LYS A 106 -9.03 -7.21 20.16
N LYS A 107 -7.84 -6.93 20.66
CA LYS A 107 -7.68 -5.91 21.71
C LYS A 107 -6.66 -4.82 21.36
N THR A 108 -6.71 -3.69 22.06
CA THR A 108 -5.74 -2.59 21.85
C THR A 108 -4.48 -2.76 22.71
N ASN A 109 -3.41 -2.11 22.28
CA ASN A 109 -2.16 -2.12 23.02
C ASN A 109 -2.55 -1.12 24.10
N PRO A 110 -2.55 -1.56 25.37
CA PRO A 110 -2.95 -0.59 26.40
C PRO A 110 -1.95 0.56 26.58
N TYR A 111 -0.71 0.36 26.15
CA TYR A 111 0.32 1.40 26.26
C TYR A 111 0.03 2.57 25.32
N PHE A 112 -0.73 2.25 24.26
CA PHE A 112 -1.14 3.22 23.24
C PHE A 112 -2.46 3.83 23.69
N GLY A 113 -3.37 2.98 24.18
CA GLY A 113 -4.66 3.46 24.65
C GLY A 113 -5.68 2.36 24.79
N THR A 114 -6.92 2.78 25.02
CA THR A 114 -8.03 1.85 25.17
C THR A 114 -8.93 1.91 23.94
N MET A 115 -9.96 1.08 23.92
CA MET A 115 -10.93 1.06 22.83
C MET A 115 -11.53 2.43 22.70
N ALA A 116 -11.74 3.07 23.85
CA ALA A 116 -12.33 4.39 23.93
C ALA A 116 -11.40 5.45 23.41
N ASP A 117 -10.14 5.31 23.73
CA ASP A 117 -9.15 6.25 23.26
C ASP A 117 -9.09 6.09 21.76
N PHE A 118 -9.07 4.85 21.32
CA PHE A 118 -9.00 4.60 19.90
C PHE A 118 -10.17 5.19 19.17
N GLN A 119 -11.35 5.01 19.73
CA GLN A 119 -12.54 5.54 19.12
C GLN A 119 -12.51 7.05 19.18
N ASN A 120 -11.83 7.58 20.18
CA ASN A 120 -11.75 9.01 20.33
C ASN A 120 -10.78 9.58 19.29
N LEU A 121 -9.73 8.82 18.99
CA LEU A 121 -8.72 9.20 17.99
C LEU A 121 -9.34 9.23 16.60
N ILE A 122 -10.16 8.22 16.29
CA ILE A 122 -10.82 8.14 14.98
C ILE A 122 -11.76 9.30 14.75
N THR A 123 -12.47 9.70 15.81
CA THR A 123 -13.44 10.80 15.76
C THR A 123 -12.78 12.17 15.65
N THR A 124 -11.76 12.40 16.47
CA THR A 124 -11.03 13.65 16.45
C THR A 124 -10.36 13.80 15.10
N ALA A 125 -9.76 12.73 14.60
CA ALA A 125 -9.07 12.75 13.33
C ALA A 125 -10.06 13.07 12.22
N HIS A 126 -11.25 12.46 12.27
CA HIS A 126 -12.25 12.70 11.23
C HIS A 126 -12.87 14.07 11.25
N ALA A 127 -13.01 14.61 12.44
CA ALA A 127 -13.58 15.95 12.56
C ALA A 127 -12.64 17.00 11.92
N LYS A 128 -11.35 16.68 11.83
CA LYS A 128 -10.40 17.61 11.24
C LYS A 128 -10.09 17.22 9.79
N GLY A 129 -10.81 16.21 9.29
CA GLY A 129 -10.61 15.76 7.93
C GLY A 129 -9.32 14.99 7.75
N ILE A 130 -8.96 14.16 8.72
CA ILE A 130 -7.76 13.33 8.66
C ILE A 130 -8.19 11.88 8.72
N LYS A 131 -7.78 11.12 7.71
CA LYS A 131 -8.11 9.70 7.69
C LYS A 131 -7.11 9.02 8.61
N ILE A 132 -7.48 7.86 9.13
CA ILE A 132 -6.62 7.07 10.00
C ILE A 132 -6.37 5.72 9.32
N VAL A 133 -5.10 5.41 9.09
CA VAL A 133 -4.68 4.18 8.46
C VAL A 133 -3.97 3.36 9.53
N ILE A 134 -4.22 2.05 9.59
CA ILE A 134 -3.55 1.25 10.61
C ILE A 134 -2.66 0.19 10.01
N ASP A 135 -1.56 -0.07 10.69
CA ASP A 135 -0.63 -1.09 10.27
C ASP A 135 -1.29 -2.37 10.76
N PHE A 136 -1.16 -3.45 10.00
CA PHE A 136 -1.76 -4.73 10.39
C PHE A 136 -0.83 -5.81 9.86
N ALA A 137 -0.42 -6.74 10.72
CA ALA A 137 0.52 -7.79 10.36
C ALA A 137 -0.02 -9.20 10.62
N PRO A 138 -0.91 -9.70 9.75
CA PRO A 138 -1.50 -11.03 9.93
C PRO A 138 -0.57 -12.18 9.64
N ASN A 139 0.70 -11.88 9.37
CA ASN A 139 1.68 -12.90 9.05
C ASN A 139 2.21 -13.69 10.25
N HIS A 140 2.26 -13.05 11.42
CA HIS A 140 2.83 -13.71 12.59
C HIS A 140 2.37 -13.09 13.90
N THR A 141 2.79 -13.73 14.99
CA THR A 141 2.50 -13.24 16.33
C THR A 141 3.77 -12.53 16.78
N SER A 142 4.65 -13.26 17.47
CA SER A 142 5.86 -12.68 18.05
C SER A 142 7.00 -13.67 18.12
N PRO A 143 8.20 -13.21 18.54
CA PRO A 143 9.36 -14.10 18.63
C PRO A 143 9.07 -15.30 19.51
N ALA A 144 9.46 -16.47 19.05
CA ALA A 144 9.17 -17.68 19.82
C ALA A 144 10.22 -18.74 19.58
N MET A 145 10.41 -19.59 20.57
CA MET A 145 11.35 -20.69 20.46
C MET A 145 10.57 -21.94 20.72
N GLU A 146 10.57 -22.83 19.75
CA GLU A 146 9.83 -24.07 19.82
C GLU A 146 10.30 -24.88 21.03
N THR A 147 11.61 -25.05 21.11
CA THR A 147 12.25 -25.80 22.19
C THR A 147 12.39 -25.04 23.51
N ASP A 148 11.82 -23.85 23.61
CA ASP A 148 11.93 -23.09 24.83
C ASP A 148 10.78 -22.12 25.02
N THR A 149 9.74 -22.64 25.65
CA THR A 149 8.52 -21.90 25.93
C THR A 149 8.72 -20.66 26.78
N SER A 150 9.87 -20.55 27.42
CA SER A 150 10.12 -19.43 28.30
C SER A 150 10.61 -18.19 27.56
N PHE A 151 11.16 -18.38 26.36
CA PHE A 151 11.63 -17.25 25.58
C PHE A 151 10.43 -16.45 25.09
N ALA A 152 10.43 -15.13 25.39
CA ALA A 152 9.34 -14.19 25.04
C ALA A 152 8.03 -14.79 25.56
N GLU A 153 6.97 -14.76 24.76
CA GLU A 153 5.73 -15.37 25.20
C GLU A 153 5.42 -16.59 24.33
N ASN A 154 6.47 -17.22 23.83
CA ASN A 154 6.32 -18.41 23.00
C ASN A 154 5.35 -18.17 21.84
N GLY A 155 5.29 -16.93 21.37
CA GLY A 155 4.43 -16.57 20.26
C GLY A 155 2.96 -16.89 20.43
N ARG A 156 2.48 -16.95 21.65
CA ARG A 156 1.08 -17.28 21.89
C ARG A 156 0.08 -16.31 21.28
N LEU A 157 -1.08 -16.83 20.94
CA LEU A 157 -2.15 -16.06 20.33
C LEU A 157 -3.40 -16.18 21.18
N TYR A 158 -4.05 -15.04 21.44
CA TYR A 158 -5.25 -15.01 22.25
C TYR A 158 -6.31 -14.39 21.42
N ASP A 159 -7.50 -14.92 21.58
CA ASP A 159 -8.65 -14.41 20.89
C ASP A 159 -9.41 -13.65 21.96
N ASN A 160 -9.15 -12.36 22.07
CA ASN A 160 -9.81 -11.54 23.08
C ASN A 160 -9.73 -12.10 24.50
N GLY A 161 -8.51 -12.45 24.91
CA GLY A 161 -8.28 -12.95 26.24
C GLY A 161 -8.10 -14.44 26.29
N THR A 162 -8.87 -15.15 25.48
CA THR A 162 -8.80 -16.60 25.43
C THR A 162 -7.62 -17.09 24.64
N LEU A 163 -6.85 -17.99 25.22
CA LEU A 163 -5.69 -18.51 24.52
C LEU A 163 -6.13 -19.43 23.39
N VAL A 164 -5.57 -19.18 22.21
CA VAL A 164 -5.89 -19.99 21.05
C VAL A 164 -4.77 -21.02 20.93
N GLY A 165 -3.52 -20.58 21.09
CA GLY A 165 -2.40 -21.51 20.99
C GLY A 165 -1.02 -20.91 21.01
N GLY A 166 -0.02 -21.71 21.36
CA GLY A 166 1.33 -21.20 21.39
C GLY A 166 2.13 -21.91 20.32
N TYR A 167 3.38 -21.53 20.14
CA TYR A 167 4.22 -22.15 19.12
C TYR A 167 4.64 -23.54 19.53
N THR A 168 4.90 -23.75 20.82
CA THR A 168 5.32 -25.06 21.29
C THR A 168 4.07 -25.86 21.55
N ASN A 169 4.11 -27.15 21.23
CA ASN A 169 2.94 -28.01 21.41
C ASN A 169 1.73 -27.45 20.67
N ASP A 170 1.92 -27.23 19.37
CA ASP A 170 0.89 -26.72 18.49
C ASP A 170 0.28 -27.90 17.77
N THR A 171 -0.58 -28.61 18.48
CA THR A 171 -1.20 -29.80 17.94
C THR A 171 -2.10 -29.49 16.75
N ASN A 172 -2.79 -28.36 16.80
CA ASN A 172 -3.69 -27.97 15.72
C ASN A 172 -3.05 -27.38 14.48
N GLY A 173 -1.76 -27.09 14.57
CA GLY A 173 -1.05 -26.55 13.44
C GLY A 173 -1.46 -25.14 13.05
N TYR A 174 -1.58 -24.27 14.04
CA TYR A 174 -1.93 -22.88 13.79
C TYR A 174 -0.72 -22.17 13.21
N PHE A 175 0.46 -22.79 13.37
CA PHE A 175 1.69 -22.17 12.91
C PHE A 175 2.50 -23.09 12.06
N HIS A 176 3.45 -22.53 11.35
CA HIS A 176 4.34 -23.30 10.51
C HIS A 176 5.51 -23.67 11.37
N HIS A 177 5.96 -24.90 11.23
CA HIS A 177 7.09 -25.36 12.00
C HIS A 177 8.11 -25.86 11.01
N ASN A 178 8.36 -25.05 10.01
CA ASN A 178 9.27 -25.40 8.95
C ASN A 178 10.57 -24.69 9.11
N GLY A 179 10.79 -24.17 10.30
CA GLY A 179 12.04 -23.46 10.57
C GLY A 179 11.94 -22.01 10.14
N GLY A 180 13.10 -21.40 9.87
CA GLY A 180 13.19 -20.01 9.46
C GLY A 180 13.68 -19.82 8.05
N SER A 181 13.06 -18.86 7.34
CA SER A 181 13.37 -18.53 5.96
C SER A 181 14.80 -18.08 5.80
N ASP A 182 15.44 -18.50 4.71
CA ASP A 182 16.80 -18.08 4.40
C ASP A 182 16.71 -17.12 3.24
N PHE A 183 15.46 -16.77 2.91
CA PHE A 183 15.13 -15.85 1.82
C PHE A 183 15.69 -16.24 0.47
N SER A 184 15.96 -17.53 0.26
CA SER A 184 16.54 -18.02 -1.00
C SER A 184 15.54 -18.14 -2.16
N SER A 185 14.25 -18.28 -1.84
CA SER A 185 13.19 -18.39 -2.84
C SER A 185 11.91 -17.75 -2.30
N LEU A 186 10.97 -17.41 -3.19
CA LEU A 186 9.71 -16.82 -2.78
C LEU A 186 8.96 -17.79 -1.87
N GLU A 187 8.95 -19.07 -2.26
CA GLU A 187 8.29 -20.14 -1.49
C GLU A 187 8.83 -20.26 -0.09
N ASN A 188 10.14 -20.08 0.00
CA ASN A 188 10.87 -20.18 1.24
C ASN A 188 10.47 -19.12 2.25
N GLY A 189 10.38 -17.86 1.81
CA GLY A 189 10.00 -16.78 2.69
C GLY A 189 8.52 -16.74 3.08
N ILE A 190 7.71 -17.56 2.41
CA ILE A 190 6.29 -17.60 2.72
C ILE A 190 5.95 -18.65 3.73
N TYR A 191 6.55 -19.84 3.61
CA TYR A 191 6.23 -20.94 4.51
C TYR A 191 7.14 -21.20 5.73
N LYS A 192 8.19 -20.40 5.83
CA LYS A 192 9.09 -20.50 6.95
C LYS A 192 9.00 -19.17 7.69
N ASN A 193 9.44 -19.18 8.94
CA ASN A 193 9.39 -18.02 9.80
C ASN A 193 10.18 -16.80 9.32
N LEU A 194 9.57 -15.63 9.44
CA LEU A 194 10.25 -14.38 9.13
C LEU A 194 11.08 -14.13 10.41
N TYR A 195 12.37 -14.44 10.38
CA TYR A 195 13.23 -14.28 11.56
C TYR A 195 12.83 -15.34 12.61
N ASP A 196 12.45 -14.91 13.81
CA ASP A 196 12.02 -15.85 14.84
C ASP A 196 10.55 -15.67 15.14
N LEU A 197 9.86 -14.88 14.32
CA LEU A 197 8.46 -14.61 14.51
C LEU A 197 7.66 -15.88 14.21
N ALA A 198 6.83 -16.32 15.17
CA ALA A 198 6.01 -17.51 14.96
C ALA A 198 5.14 -17.32 13.73
N ASP A 199 5.29 -18.21 12.75
CA ASP A 199 4.54 -18.13 11.50
C ASP A 199 3.15 -18.77 11.47
N PHE A 200 2.15 -17.98 11.14
CA PHE A 200 0.80 -18.49 11.06
C PHE A 200 0.59 -19.41 9.88
N ASN A 201 -0.28 -20.40 10.06
CA ASN A 201 -0.66 -21.33 9.01
C ASN A 201 -2.10 -20.93 8.58
N HIS A 202 -2.20 -20.02 7.63
CA HIS A 202 -3.49 -19.51 7.15
C HIS A 202 -4.37 -20.53 6.47
N ASN A 203 -3.83 -21.73 6.24
CA ASN A 203 -4.61 -22.81 5.65
C ASN A 203 -5.47 -23.41 6.78
N ASN A 204 -5.17 -23.03 8.03
CA ASN A 204 -5.91 -23.49 9.18
C ASN A 204 -7.13 -22.59 9.24
N ALA A 205 -8.29 -23.20 9.08
CA ALA A 205 -9.55 -22.48 9.06
C ALA A 205 -9.84 -21.58 10.24
N THR A 206 -9.23 -21.89 11.39
CA THR A 206 -9.43 -21.10 12.60
C THR A 206 -8.64 -19.83 12.45
N ILE A 207 -7.43 -19.98 11.91
CA ILE A 207 -6.57 -18.84 11.71
C ILE A 207 -7.17 -17.95 10.62
N ASP A 208 -7.74 -18.57 9.59
CA ASP A 208 -8.35 -17.84 8.47
C ASP A 208 -9.57 -17.12 8.98
N LYS A 209 -10.28 -17.72 9.90
CA LYS A 209 -11.48 -17.10 10.41
C LYS A 209 -11.13 -16.01 11.46
N TYR A 210 -10.02 -16.22 12.17
CA TYR A 210 -9.60 -15.25 13.17
C TYR A 210 -9.27 -13.95 12.47
N PHE A 211 -8.47 -14.00 11.41
CA PHE A 211 -8.10 -12.79 10.70
C PHE A 211 -9.21 -12.03 9.98
N LYS A 212 -10.26 -12.73 9.59
CA LYS A 212 -11.36 -12.07 8.93
C LYS A 212 -12.18 -11.34 9.96
N ASP A 213 -12.39 -12.00 11.08
CA ASP A 213 -13.14 -11.43 12.19
C ASP A 213 -12.36 -10.29 12.79
N ALA A 214 -11.05 -10.48 12.87
CA ALA A 214 -10.20 -9.50 13.48
C ALA A 214 -10.18 -8.18 12.73
N ILE A 215 -10.02 -8.24 11.42
CA ILE A 215 -9.98 -7.02 10.64
C ILE A 215 -11.35 -6.34 10.61
N LYS A 216 -12.39 -7.16 10.62
CA LYS A 216 -13.77 -6.65 10.59
C LYS A 216 -14.04 -5.70 11.77
N LEU A 217 -13.48 -6.01 12.92
CA LEU A 217 -13.64 -5.22 14.14
C LEU A 217 -13.08 -3.79 13.99
N TRP A 218 -11.85 -3.68 13.51
CA TRP A 218 -11.19 -2.41 13.32
C TRP A 218 -11.85 -1.56 12.23
N LEU A 219 -12.36 -2.20 11.18
CA LEU A 219 -13.03 -1.49 10.12
C LEU A 219 -14.28 -0.88 10.70
N ASP A 220 -14.92 -1.61 11.61
CA ASP A 220 -16.15 -1.16 12.27
C ASP A 220 -15.91 -0.03 13.23
N MET A 221 -14.68 0.08 13.71
CA MET A 221 -14.29 1.16 14.62
C MET A 221 -14.14 2.43 13.78
N GLY A 222 -14.06 2.27 12.46
CA GLY A 222 -13.95 3.40 11.57
C GLY A 222 -12.65 3.66 10.85
N VAL A 223 -11.71 2.71 10.86
CA VAL A 223 -10.44 2.92 10.19
C VAL A 223 -10.68 3.19 8.71
N ASP A 224 -9.77 3.92 8.09
CA ASP A 224 -9.96 4.27 6.70
C ASP A 224 -8.99 3.63 5.74
N GLY A 225 -8.01 2.89 6.26
CA GLY A 225 -7.05 2.25 5.39
C GLY A 225 -6.23 1.25 6.17
N ILE A 226 -5.50 0.37 5.48
CA ILE A 226 -4.69 -0.64 6.13
C ILE A 226 -3.36 -0.78 5.41
N ARG A 227 -2.29 -0.96 6.18
CA ARG A 227 -0.94 -1.17 5.65
C ARG A 227 -0.70 -2.59 6.08
N VAL A 228 -0.75 -3.53 5.15
CA VAL A 228 -0.55 -4.92 5.47
C VAL A 228 0.93 -5.24 5.48
N ALA A 229 1.41 -5.66 6.64
CA ALA A 229 2.81 -5.96 6.81
C ALA A 229 3.28 -7.28 6.22
N ALA A 230 4.46 -7.24 5.60
CA ALA A 230 5.12 -8.41 5.03
C ALA A 230 4.30 -9.26 4.06
N VAL A 231 3.64 -8.61 3.11
CA VAL A 231 2.81 -9.33 2.16
C VAL A 231 3.59 -10.36 1.34
N LYS A 232 4.89 -10.12 1.20
CA LYS A 232 5.76 -11.02 0.47
C LYS A 232 5.96 -12.36 1.18
N HIS A 233 5.47 -12.45 2.41
CA HIS A 233 5.65 -13.64 3.23
C HIS A 233 4.39 -14.41 3.53
N MET A 234 3.27 -14.02 2.95
CA MET A 234 2.04 -14.77 3.13
C MET A 234 1.66 -15.18 1.73
N PRO A 235 0.81 -16.21 1.59
CA PRO A 235 0.42 -16.63 0.24
C PRO A 235 -0.54 -15.62 -0.41
N LEU A 236 -0.27 -15.26 -1.67
CA LEU A 236 -1.11 -14.30 -2.39
C LEU A 236 -2.57 -14.75 -2.37
N GLY A 237 -2.75 -16.06 -2.50
CA GLY A 237 -4.08 -16.65 -2.50
C GLY A 237 -4.86 -16.36 -1.26
N TRP A 238 -4.22 -16.49 -0.09
CA TRP A 238 -4.93 -16.22 1.13
C TRP A 238 -5.24 -14.75 1.25
N GLN A 239 -4.29 -13.90 0.90
CA GLN A 239 -4.52 -12.48 1.01
C GLN A 239 -5.59 -11.95 0.10
N LYS A 240 -5.71 -12.55 -1.09
CA LYS A 240 -6.71 -12.16 -2.10
C LYS A 240 -8.07 -12.47 -1.53
N SER A 241 -8.18 -13.68 -1.00
CA SER A 241 -9.38 -14.19 -0.37
C SER A 241 -9.78 -13.29 0.82
N TRP A 242 -8.79 -12.85 1.60
CA TRP A 242 -9.00 -11.98 2.75
C TRP A 242 -9.46 -10.59 2.23
N MET A 243 -8.77 -10.09 1.19
CA MET A 243 -9.11 -8.79 0.63
C MET A 243 -10.57 -8.69 0.17
N SER A 244 -11.09 -9.75 -0.45
CA SER A 244 -12.47 -9.68 -0.89
C SER A 244 -13.41 -9.69 0.28
N SER A 245 -13.00 -10.31 1.37
CA SER A 245 -13.86 -10.34 2.54
C SER A 245 -13.93 -8.91 3.08
N ILE A 246 -12.82 -8.20 3.06
CA ILE A 246 -12.81 -6.82 3.52
C ILE A 246 -13.67 -6.00 2.57
N TYR A 247 -13.40 -6.12 1.27
CA TYR A 247 -14.14 -5.35 0.28
C TYR A 247 -15.63 -5.62 0.28
N ALA A 248 -16.02 -6.82 0.68
CA ALA A 248 -17.43 -7.18 0.72
C ALA A 248 -18.09 -6.63 1.96
N HIS A 249 -17.30 -6.33 2.98
CA HIS A 249 -17.83 -5.82 4.25
C HIS A 249 -17.76 -4.32 4.37
N LYS A 250 -16.55 -3.79 4.32
CA LYS A 250 -16.36 -2.36 4.41
C LYS A 250 -15.07 -2.06 3.69
N PRO A 251 -15.16 -1.73 2.40
CA PRO A 251 -13.97 -1.43 1.60
C PRO A 251 -13.18 -0.23 2.07
N VAL A 252 -11.89 -0.45 2.30
CA VAL A 252 -10.99 0.61 2.69
C VAL A 252 -9.80 0.48 1.77
N PHE A 253 -9.05 1.57 1.62
CA PHE A 253 -7.86 1.53 0.79
C PHE A 253 -6.83 0.63 1.51
N THR A 254 -6.27 -0.35 0.81
CA THR A 254 -5.30 -1.27 1.42
C THR A 254 -4.01 -1.40 0.60
N PHE A 255 -2.86 -1.18 1.22
CA PHE A 255 -1.60 -1.34 0.51
C PHE A 255 -0.75 -2.28 1.30
N GLY A 256 0.22 -2.91 0.66
CA GLY A 256 1.04 -3.87 1.38
C GLY A 256 2.53 -3.72 1.28
N GLU A 257 3.28 -4.36 2.17
CA GLU A 257 4.74 -4.23 2.17
C GLU A 257 5.49 -5.36 1.53
N TRP A 258 5.91 -5.11 0.28
CA TRP A 258 6.67 -6.07 -0.48
C TRP A 258 8.01 -5.40 -0.72
N PHE A 259 8.95 -5.66 0.17
CA PHE A 259 10.29 -5.06 0.11
C PHE A 259 11.11 -5.35 -1.14
N LEU A 260 11.60 -4.30 -1.80
CA LEU A 260 12.47 -4.41 -2.97
C LEU A 260 13.73 -3.59 -2.70
N GLY A 261 14.87 -4.07 -3.18
CA GLY A 261 16.12 -3.37 -2.96
C GLY A 261 16.64 -2.48 -4.07
N SER A 262 15.84 -2.21 -5.09
CA SER A 262 16.29 -1.36 -6.18
C SER A 262 15.10 -0.90 -6.95
N ALA A 263 15.34 -0.02 -7.91
CA ALA A 263 14.28 0.54 -8.75
C ALA A 263 13.84 -0.46 -9.79
N ALA A 264 14.57 -1.57 -9.88
CA ALA A 264 14.31 -2.62 -10.84
C ALA A 264 12.98 -3.31 -10.67
N SER A 265 12.40 -3.70 -11.81
CA SER A 265 11.15 -4.41 -11.86
C SER A 265 11.34 -5.77 -11.26
N ASP A 266 10.34 -6.23 -10.52
CA ASP A 266 10.38 -7.55 -9.96
C ASP A 266 9.05 -8.20 -10.36
N ALA A 267 9.13 -9.27 -11.14
CA ALA A 267 7.94 -9.96 -11.63
C ALA A 267 6.97 -10.37 -10.55
N ASP A 268 7.47 -10.86 -9.43
CA ASP A 268 6.59 -11.30 -8.37
C ASP A 268 5.88 -10.14 -7.73
N ASN A 269 6.60 -9.05 -7.61
CA ASN A 269 6.09 -7.82 -7.04
C ASN A 269 4.98 -7.24 -7.93
N THR A 270 5.25 -7.16 -9.23
CA THR A 270 4.26 -6.65 -10.17
C THR A 270 3.01 -7.51 -10.14
N ASP A 271 3.17 -8.82 -10.25
CA ASP A 271 2.01 -9.73 -10.21
C ASP A 271 1.14 -9.47 -9.01
N PHE A 272 1.77 -9.37 -7.85
CA PHE A 272 1.08 -9.14 -6.61
C PHE A 272 0.23 -7.89 -6.65
N ALA A 273 0.87 -6.79 -7.06
CA ALA A 273 0.24 -5.49 -7.17
C ALA A 273 -0.94 -5.56 -8.10
N ASN A 274 -0.78 -6.31 -9.19
CA ASN A 274 -1.81 -6.45 -10.18
C ASN A 274 -2.85 -7.53 -9.91
N LYS A 275 -2.57 -8.47 -9.01
CA LYS A 275 -3.53 -9.56 -8.76
C LYS A 275 -4.13 -9.82 -7.37
N SER A 276 -3.50 -9.29 -6.33
CA SER A 276 -3.94 -9.54 -4.95
C SER A 276 -5.24 -8.91 -4.49
N GLY A 277 -5.50 -7.70 -4.97
CA GLY A 277 -6.70 -7.00 -4.55
C GLY A 277 -6.24 -5.76 -3.79
N MET A 278 -4.94 -5.65 -3.53
CA MET A 278 -4.42 -4.49 -2.81
C MET A 278 -3.25 -3.94 -3.59
N SER A 279 -2.83 -2.71 -3.26
CA SER A 279 -1.67 -2.11 -3.92
C SER A 279 -0.44 -2.27 -3.03
N LEU A 280 0.66 -1.58 -3.35
CA LEU A 280 1.88 -1.76 -2.59
C LEU A 280 2.62 -0.46 -2.29
N LEU A 281 3.57 -0.53 -1.35
CA LEU A 281 4.43 0.61 -1.04
C LEU A 281 5.41 0.51 -2.21
N ASP A 282 5.76 1.66 -2.76
CA ASP A 282 6.59 1.71 -3.91
C ASP A 282 8.06 1.75 -3.62
N PHE A 283 8.67 0.58 -3.39
CA PHE A 283 10.12 0.53 -3.10
C PHE A 283 10.95 0.88 -4.32
N ARG A 284 10.35 0.82 -5.49
CA ARG A 284 11.03 1.18 -6.74
C ARG A 284 11.19 2.69 -6.87
N PHE A 285 10.13 3.45 -6.56
CA PHE A 285 10.15 4.92 -6.56
C PHE A 285 11.17 5.39 -5.48
N ASN A 286 11.16 4.70 -4.34
CA ASN A 286 12.05 5.00 -3.22
C ASN A 286 13.53 4.86 -3.59
N SER A 287 13.90 3.79 -4.27
CA SER A 287 15.30 3.62 -4.67
C SER A 287 15.74 4.74 -5.61
N ALA A 288 14.98 4.98 -6.67
CA ALA A 288 15.34 6.02 -7.62
C ALA A 288 15.43 7.40 -6.99
N VAL A 289 14.50 7.71 -6.10
CA VAL A 289 14.50 9.00 -5.44
C VAL A 289 15.76 9.15 -4.60
N ARG A 290 16.03 8.13 -3.78
CA ARG A 290 17.21 8.12 -2.92
C ARG A 290 18.52 8.12 -3.71
N ASN A 291 18.56 7.34 -4.78
CA ASN A 291 19.75 7.24 -5.62
C ASN A 291 20.11 8.56 -6.21
N VAL A 292 19.11 9.25 -6.71
CA VAL A 292 19.27 10.52 -7.37
C VAL A 292 19.44 11.73 -6.43
N PHE A 293 18.60 11.80 -5.41
CA PHE A 293 18.63 12.94 -4.51
C PHE A 293 19.54 12.82 -3.32
N ARG A 294 19.56 11.64 -2.72
CA ARG A 294 20.36 11.42 -1.52
C ARG A 294 21.78 10.93 -1.79
N ASP A 295 21.91 9.72 -2.31
CA ASP A 295 23.22 9.12 -2.55
C ASP A 295 24.02 9.53 -3.77
N ASN A 296 23.39 10.18 -4.74
CA ASN A 296 24.08 10.61 -5.96
C ASN A 296 24.66 9.44 -6.72
N THR A 297 23.98 8.30 -6.70
CA THR A 297 24.48 7.14 -7.41
C THR A 297 23.83 6.95 -8.79
N SER A 298 22.83 7.78 -9.09
CA SER A 298 22.10 7.77 -10.37
C SER A 298 21.84 9.20 -10.72
N ASN A 299 21.32 9.46 -11.92
CA ASN A 299 21.00 10.84 -12.33
C ASN A 299 19.54 10.95 -12.75
N MET A 300 19.14 12.13 -13.24
CA MET A 300 17.76 12.40 -13.64
C MET A 300 17.13 11.39 -14.59
N TYR A 301 17.92 10.76 -15.43
CA TYR A 301 17.39 9.78 -16.36
C TYR A 301 16.83 8.61 -15.57
N ALA A 302 17.55 8.18 -14.54
CA ALA A 302 17.09 7.06 -13.71
C ALA A 302 15.70 7.33 -13.17
N LEU A 303 15.48 8.55 -12.72
CA LEU A 303 14.22 8.94 -12.15
C LEU A 303 13.12 8.86 -13.20
N ASP A 304 13.42 9.38 -14.37
CA ASP A 304 12.46 9.40 -15.46
C ASP A 304 12.14 8.00 -15.91
N SER A 305 13.16 7.15 -16.00
CA SER A 305 12.96 5.78 -16.39
C SER A 305 12.13 4.99 -15.38
N MET A 306 12.27 5.32 -14.09
CA MET A 306 11.49 4.64 -13.09
C MET A 306 10.03 5.08 -13.22
N ILE A 307 9.83 6.33 -13.62
CA ILE A 307 8.47 6.82 -13.79
C ILE A 307 7.78 6.06 -14.92
N ASN A 308 8.49 5.88 -16.01
CA ASN A 308 7.95 5.19 -17.19
C ASN A 308 7.75 3.71 -16.96
N SER A 309 8.73 3.04 -16.38
CA SER A 309 8.64 1.62 -16.16
C SER A 309 7.55 1.19 -15.15
N THR A 310 7.42 1.89 -14.03
CA THR A 310 6.41 1.53 -13.03
C THR A 310 5.01 1.76 -13.55
N ALA A 311 4.85 2.77 -14.40
CA ALA A 311 3.56 3.09 -14.98
C ALA A 311 3.19 2.01 -15.96
N THR A 312 4.20 1.33 -16.50
CA THR A 312 3.98 0.26 -17.46
C THR A 312 3.72 -1.03 -16.74
N ASP A 313 4.43 -1.23 -15.64
CA ASP A 313 4.28 -2.44 -14.87
C ASP A 313 3.05 -2.59 -14.01
N TYR A 314 2.64 -1.56 -13.31
CA TYR A 314 1.47 -1.67 -12.47
C TYR A 314 0.20 -1.29 -13.19
N ASN A 315 -0.85 -2.09 -13.00
CA ASN A 315 -2.14 -1.80 -13.61
C ASN A 315 -2.60 -0.40 -13.15
N GLN A 316 -2.51 -0.14 -11.84
CA GLN A 316 -2.86 1.16 -11.27
C GLN A 316 -1.69 1.72 -10.46
N VAL A 317 -0.83 2.44 -11.16
CA VAL A 317 0.33 3.06 -10.56
C VAL A 317 -0.06 4.15 -9.52
N ASN A 318 -1.23 4.74 -9.70
CA ASN A 318 -1.74 5.76 -8.78
C ASN A 318 -2.10 5.22 -7.39
N ASP A 319 -2.14 3.91 -7.27
CA ASP A 319 -2.47 3.26 -6.02
C ASP A 319 -1.29 2.89 -5.15
N GLN A 320 -0.10 3.14 -5.69
CA GLN A 320 1.13 2.81 -5.03
C GLN A 320 1.54 3.91 -4.09
N VAL A 321 1.94 3.52 -2.89
CA VAL A 321 2.33 4.47 -1.85
C VAL A 321 3.81 4.81 -1.91
N THR A 322 4.12 6.06 -2.20
CA THR A 322 5.52 6.47 -2.32
C THR A 322 6.10 7.03 -1.01
N PHE A 323 7.42 7.10 -0.92
CA PHE A 323 8.08 7.58 0.28
C PHE A 323 9.56 7.73 0.02
N ILE A 324 10.24 8.59 0.80
CA ILE A 324 11.69 8.81 0.65
C ILE A 324 12.51 8.06 1.72
N ASP A 325 11.82 7.59 2.75
CA ASP A 325 12.40 6.78 3.81
C ASP A 325 11.32 6.16 4.70
N ASN A 326 11.77 5.29 5.61
CA ASN A 326 10.85 4.65 6.52
C ASN A 326 11.61 4.04 7.69
N HIS A 327 10.88 3.43 8.61
CA HIS A 327 11.46 2.83 9.80
C HIS A 327 12.33 1.61 9.58
N ASP A 328 12.38 1.12 8.35
CA ASP A 328 13.21 -0.06 8.06
C ASP A 328 14.44 0.31 7.23
N MET A 329 14.81 1.59 7.24
CA MET A 329 16.00 2.06 6.49
C MET A 329 16.56 3.36 7.04
N ASP A 330 17.78 3.72 6.61
CA ASP A 330 18.41 4.93 7.10
C ASP A 330 17.60 6.14 6.73
N ARG A 331 17.43 7.04 7.71
CA ARG A 331 16.73 8.29 7.50
C ARG A 331 17.36 8.97 6.28
N PHE A 332 16.55 9.67 5.50
CA PHE A 332 17.05 10.31 4.32
C PHE A 332 18.12 11.27 4.72
N LYS A 333 17.83 12.07 5.74
CA LYS A 333 18.81 13.04 6.20
C LYS A 333 20.02 12.43 6.88
N THR A 334 21.19 12.77 6.35
CA THR A 334 22.44 12.32 6.88
C THR A 334 23.32 13.54 6.88
N SER A 335 24.49 13.43 7.49
CA SER A 335 25.42 14.55 7.56
C SER A 335 25.86 15.08 6.19
N ALA A 336 26.17 14.18 5.27
CA ALA A 336 26.59 14.53 3.92
C ALA A 336 25.47 15.04 2.98
N VAL A 337 24.23 14.68 3.30
CA VAL A 337 23.06 15.06 2.51
C VAL A 337 22.64 16.45 2.91
N ASN A 338 22.45 17.38 1.98
CA ASN A 338 22.02 18.70 2.43
C ASN A 338 20.53 18.84 2.50
N ASN A 339 20.10 19.88 3.20
CA ASN A 339 18.69 20.11 3.39
C ASN A 339 17.94 20.34 2.12
N ARG A 340 18.57 20.99 1.16
CA ARG A 340 17.90 21.25 -0.07
C ARG A 340 17.59 19.91 -0.75
N ARG A 341 18.50 18.93 -0.64
CA ARG A 341 18.26 17.62 -1.25
C ARG A 341 17.03 16.90 -0.67
N LEU A 342 16.88 16.99 0.65
CA LEU A 342 15.75 16.40 1.38
C LEU A 342 14.45 17.11 0.96
N GLU A 343 14.54 18.44 0.82
CA GLU A 343 13.43 19.30 0.45
C GLU A 343 13.01 19.05 -1.00
N GLN A 344 13.97 18.83 -1.87
CA GLN A 344 13.68 18.60 -3.27
C GLN A 344 13.03 17.24 -3.45
N ALA A 345 13.49 16.29 -2.66
CA ALA A 345 12.95 14.95 -2.71
C ALA A 345 11.51 14.97 -2.28
N LEU A 346 11.16 15.76 -1.27
CA LEU A 346 9.77 15.84 -0.80
C LEU A 346 8.92 16.45 -1.87
N ALA A 347 9.40 17.55 -2.45
CA ALA A 347 8.69 18.23 -3.51
C ALA A 347 8.36 17.27 -4.68
N PHE A 348 9.35 16.45 -5.05
CA PHE A 348 9.18 15.48 -6.13
C PHE A 348 8.10 14.47 -5.78
N THR A 349 8.23 13.91 -4.58
CA THR A 349 7.31 12.92 -4.06
C THR A 349 5.90 13.43 -3.95
N LEU A 350 5.74 14.68 -3.52
CA LEU A 350 4.42 15.25 -3.34
C LEU A 350 3.74 15.69 -4.61
N THR A 351 4.47 15.80 -5.71
CA THR A 351 3.85 16.21 -6.96
C THR A 351 3.84 15.10 -7.98
N SER A 352 4.38 13.94 -7.61
CA SER A 352 4.45 12.77 -8.50
C SER A 352 3.24 11.87 -8.33
N ARG A 353 3.15 10.82 -9.13
CA ARG A 353 2.04 9.90 -9.06
C ARG A 353 2.09 8.95 -7.84
N GLY A 354 0.92 8.55 -7.33
CA GLY A 354 0.85 7.63 -6.22
C GLY A 354 0.28 8.26 -4.97
N VAL A 355 0.36 7.58 -3.84
CA VAL A 355 -0.13 8.11 -2.56
C VAL A 355 1.11 8.41 -1.68
N PRO A 356 1.52 9.69 -1.59
CA PRO A 356 2.69 10.07 -0.78
C PRO A 356 2.58 9.89 0.73
N ALA A 357 3.61 9.32 1.34
CA ALA A 357 3.66 9.09 2.80
C ALA A 357 4.95 9.74 3.32
N ILE A 358 4.87 10.46 4.43
CA ILE A 358 6.06 11.09 4.97
C ILE A 358 6.35 10.45 6.31
N TYR A 359 7.56 9.91 6.46
CA TYR A 359 7.93 9.30 7.72
C TYR A 359 8.06 10.45 8.74
N TYR A 360 7.46 10.31 9.93
CA TYR A 360 7.51 11.38 10.94
C TYR A 360 8.89 11.97 11.26
N GLY A 361 8.95 13.29 11.39
CA GLY A 361 10.22 13.92 11.72
C GLY A 361 11.01 14.38 10.54
N THR A 362 10.57 14.03 9.33
CA THR A 362 11.26 14.43 8.14
C THR A 362 11.27 15.95 8.08
N GLU A 363 10.14 16.55 8.42
CA GLU A 363 10.01 17.99 8.43
C GLU A 363 10.91 18.68 9.46
N GLN A 364 11.40 17.91 10.44
CA GLN A 364 12.30 18.45 11.45
C GLN A 364 13.72 18.01 11.13
N TYR A 365 13.90 17.36 9.99
CA TYR A 365 15.20 16.86 9.53
C TYR A 365 15.80 15.77 10.42
N LEU A 366 14.94 15.02 11.10
CA LEU A 366 15.39 13.96 12.00
C LEU A 366 16.41 13.02 11.35
N THR A 367 17.54 12.76 12.02
CA THR A 367 18.54 11.83 11.47
C THR A 367 18.43 10.47 12.17
N GLY A 368 19.31 9.55 11.82
CA GLY A 368 19.26 8.23 12.43
C GLY A 368 19.40 7.09 11.46
N ASN A 369 20.49 6.34 11.58
CA ASN A 369 20.73 5.23 10.69
C ASN A 369 20.41 3.88 11.25
N GLY A 370 19.59 3.14 10.52
CA GLY A 370 19.23 1.81 10.95
C GLY A 370 18.20 1.72 12.06
N ASP A 371 17.90 0.47 12.39
CA ASP A 371 16.95 0.13 13.43
C ASP A 371 17.74 0.05 14.75
N PRO A 372 17.35 0.80 15.79
CA PRO A 372 16.22 1.72 15.93
C PRO A 372 16.57 3.20 15.85
N ASP A 373 17.79 3.56 15.50
CA ASP A 373 18.14 4.96 15.46
C ASP A 373 17.26 5.78 14.55
N ASN A 374 16.74 5.13 13.51
CA ASN A 374 15.83 5.78 12.57
C ASN A 374 14.44 5.89 13.19
N ARG A 375 14.31 5.46 14.44
CA ARG A 375 13.04 5.50 15.17
C ARG A 375 13.14 6.38 16.44
N ALA A 376 13.86 7.49 16.31
CA ALA A 376 14.11 8.47 17.36
C ALA A 376 12.84 9.18 17.72
N LYS A 377 12.80 9.77 18.92
CA LYS A 377 11.64 10.50 19.41
C LYS A 377 11.39 11.76 18.59
N MET A 378 10.13 12.15 18.45
CA MET A 378 9.81 13.35 17.70
C MET A 378 10.44 14.47 18.52
N PRO A 379 11.52 15.09 17.99
CA PRO A 379 12.28 16.18 18.61
C PRO A 379 11.68 17.59 18.65
N SER A 380 10.69 17.87 17.83
CA SER A 380 10.15 19.22 17.83
C SER A 380 8.79 19.31 17.15
N PHE A 381 8.08 20.40 17.40
CA PHE A 381 6.80 20.61 16.77
C PHE A 381 6.81 21.96 16.09
N SER A 382 8.01 22.37 15.69
CA SER A 382 8.23 23.62 15.00
C SER A 382 7.61 23.57 13.64
N LYS A 383 6.98 24.67 13.30
CA LYS A 383 6.32 24.83 12.03
C LYS A 383 7.14 25.85 11.22
N SER A 384 8.43 25.95 11.54
CA SER A 384 9.30 26.92 10.88
C SER A 384 10.26 26.40 9.82
N THR A 385 10.66 25.14 9.89
CA THR A 385 11.60 24.59 8.91
C THR A 385 11.09 24.72 7.49
N THR A 386 12.01 24.80 6.54
CA THR A 386 11.63 24.89 5.14
C THR A 386 10.95 23.60 4.74
N ALA A 387 11.49 22.47 5.19
CA ALA A 387 10.90 21.18 4.90
C ALA A 387 9.41 21.26 5.25
N PHE A 388 9.13 21.77 6.45
CA PHE A 388 7.75 21.93 6.95
C PHE A 388 6.94 22.79 6.00
N ASN A 389 7.58 23.83 5.50
CA ASN A 389 6.94 24.79 4.63
C ASN A 389 6.58 24.23 3.26
N VAL A 390 7.51 23.49 2.69
CA VAL A 390 7.35 22.87 1.38
C VAL A 390 6.12 21.97 1.37
N ILE A 391 5.99 21.18 2.44
CA ILE A 391 4.88 20.25 2.60
C ILE A 391 3.55 20.96 2.74
N SER A 392 3.51 22.07 3.48
CA SER A 392 2.24 22.77 3.66
C SER A 392 1.80 23.49 2.40
N LYS A 393 2.73 23.76 1.50
CA LYS A 393 2.40 24.43 0.25
C LYS A 393 2.00 23.41 -0.79
N LEU A 394 2.71 22.31 -0.86
CA LEU A 394 2.40 21.30 -1.83
C LEU A 394 1.27 20.34 -1.45
N ALA A 395 1.28 19.79 -0.24
CA ALA A 395 0.23 18.85 0.17
C ALA A 395 -1.19 19.15 -0.32
N PRO A 396 -1.70 20.39 -0.11
CA PRO A 396 -3.04 20.77 -0.53
C PRO A 396 -3.33 20.64 -2.03
N LEU A 397 -2.28 20.73 -2.85
CA LEU A 397 -2.42 20.61 -4.30
C LEU A 397 -3.00 19.29 -4.75
N ARG A 398 -2.76 18.24 -3.96
CA ARG A 398 -3.28 16.91 -4.27
C ARG A 398 -4.77 16.95 -4.15
N LYS A 399 -5.24 17.86 -3.32
CA LYS A 399 -6.66 18.06 -3.09
C LYS A 399 -7.25 18.97 -4.13
N SER A 400 -6.60 20.12 -4.36
CA SER A 400 -7.09 21.12 -5.30
C SER A 400 -6.83 20.92 -6.79
N ASN A 401 -5.68 20.37 -7.15
CA ASN A 401 -5.37 20.16 -8.57
C ASN A 401 -5.44 18.66 -8.87
N PRO A 402 -6.49 18.24 -9.61
CA PRO A 402 -6.66 16.83 -9.94
C PRO A 402 -5.58 16.20 -10.81
N ALA A 403 -4.77 17.04 -11.44
CA ALA A 403 -3.72 16.53 -12.29
C ALA A 403 -2.63 15.89 -11.45
N ILE A 404 -2.46 16.37 -10.21
CA ILE A 404 -1.47 15.86 -9.27
C ILE A 404 -1.97 14.53 -8.73
N ALA A 405 -3.22 14.52 -8.33
CA ALA A 405 -3.85 13.36 -7.76
C ALA A 405 -4.11 12.21 -8.70
N TYR A 406 -4.56 12.50 -9.92
CA TYR A 406 -4.94 11.48 -10.88
C TYR A 406 -4.23 11.48 -12.21
N GLY A 407 -3.47 12.54 -12.46
CA GLY A 407 -2.82 12.68 -13.74
C GLY A 407 -1.72 11.77 -14.20
N SER A 408 -1.40 11.94 -15.47
CA SER A 408 -0.35 11.19 -16.12
C SER A 408 0.92 12.02 -15.93
N THR A 409 2.07 11.41 -16.19
CA THR A 409 3.35 12.09 -16.04
C THR A 409 4.09 12.10 -17.36
N GLN A 410 4.62 13.24 -17.75
CA GLN A 410 5.34 13.29 -18.99
C GLN A 410 6.57 14.17 -18.89
N GLN A 411 7.69 13.68 -19.37
CA GLN A 411 8.91 14.44 -19.33
C GLN A 411 8.84 15.59 -20.30
N ARG A 412 9.19 16.78 -19.85
CA ARG A 412 9.16 17.92 -20.73
C ARG A 412 10.55 18.46 -21.00
N TRP A 413 11.52 18.10 -20.18
CA TRP A 413 12.89 18.57 -20.38
C TRP A 413 13.72 17.84 -19.39
N ILE A 414 14.96 17.49 -19.75
CA ILE A 414 15.83 16.75 -18.84
C ILE A 414 17.31 16.70 -19.23
N ASN A 415 18.13 16.41 -18.22
CA ASN A 415 19.58 16.17 -18.38
C ASN A 415 20.12 15.56 -17.12
N ASN A 416 21.42 15.38 -17.01
CA ASN A 416 21.94 14.74 -15.80
C ASN A 416 21.43 15.30 -14.50
N ASP A 417 21.33 16.63 -14.39
CA ASP A 417 20.85 17.24 -13.15
C ASP A 417 19.49 17.86 -13.16
N VAL A 418 18.98 18.19 -14.32
CA VAL A 418 17.69 18.82 -14.40
C VAL A 418 16.58 17.88 -14.87
N TYR A 419 15.37 18.08 -14.35
CA TYR A 419 14.24 17.26 -14.72
C TYR A 419 13.01 18.13 -14.68
N VAL A 420 12.28 18.19 -15.80
CA VAL A 420 11.05 19.00 -15.82
C VAL A 420 9.98 18.06 -16.31
N TYR A 421 9.04 17.72 -15.44
CA TYR A 421 7.97 16.80 -15.79
C TYR A 421 6.62 17.48 -15.75
N GLU A 422 5.62 16.86 -16.36
CA GLU A 422 4.29 17.43 -16.41
C GLU A 422 3.19 16.45 -16.01
N ARG A 423 2.24 16.95 -15.23
CA ARG A 423 1.13 16.12 -14.79
C ARG A 423 -0.08 16.72 -15.47
N LYS A 424 -0.92 15.86 -16.01
CA LYS A 424 -2.10 16.34 -16.72
C LYS A 424 -3.30 15.47 -16.47
N PHE A 425 -4.47 16.08 -16.51
CA PHE A 425 -5.76 15.40 -16.33
C PHE A 425 -6.86 16.38 -16.77
N GLY A 426 -7.47 16.09 -17.91
CA GLY A 426 -8.49 16.98 -18.42
C GLY A 426 -7.78 18.24 -18.87
N LYS A 427 -8.31 19.40 -18.52
CA LYS A 427 -7.70 20.68 -18.90
C LYS A 427 -6.68 21.16 -17.88
N SER A 428 -6.67 20.52 -16.69
CA SER A 428 -5.75 20.84 -15.60
C SER A 428 -4.31 20.35 -15.82
N VAL A 429 -3.35 21.20 -15.45
CA VAL A 429 -1.95 20.87 -15.63
C VAL A 429 -1.14 21.30 -14.41
N ALA A 430 0.03 20.67 -14.24
CA ALA A 430 0.94 20.99 -13.15
C ALA A 430 2.30 20.66 -13.73
N VAL A 431 3.23 21.60 -13.67
CA VAL A 431 4.55 21.38 -14.22
C VAL A 431 5.57 21.56 -13.10
N VAL A 432 6.50 20.62 -12.98
CA VAL A 432 7.52 20.73 -11.96
C VAL A 432 8.92 20.70 -12.57
N ALA A 433 9.79 21.58 -12.08
CA ALA A 433 11.17 21.65 -12.55
C ALA A 433 12.09 21.48 -11.33
N VAL A 434 13.04 20.56 -11.39
CA VAL A 434 13.96 20.33 -10.27
C VAL A 434 15.40 20.41 -10.76
N ASN A 435 16.23 21.26 -10.17
CA ASN A 435 17.63 21.35 -10.55
C ASN A 435 18.41 20.84 -9.35
N ARG A 436 18.86 19.59 -9.38
CA ARG A 436 19.56 19.05 -8.21
C ARG A 436 20.96 19.58 -7.96
N ASN A 437 21.52 20.27 -8.94
CA ASN A 437 22.85 20.81 -8.81
C ASN A 437 22.85 21.96 -7.82
N LEU A 438 23.54 21.75 -6.71
CA LEU A 438 23.61 22.72 -5.65
C LEU A 438 24.53 23.90 -5.92
N SER A 439 25.37 23.82 -6.94
CA SER A 439 26.29 24.92 -7.15
C SER A 439 26.11 25.74 -8.40
N THR A 440 25.44 25.16 -9.41
CA THR A 440 25.28 25.85 -10.67
C THR A 440 23.88 25.78 -11.22
N SER A 441 23.47 26.86 -11.87
CA SER A 441 22.15 26.99 -12.46
C SER A 441 22.09 26.53 -13.90
N ALA A 442 20.88 26.38 -14.45
CA ALA A 442 20.71 25.94 -15.83
C ALA A 442 19.82 26.84 -16.66
N SER A 443 20.26 27.10 -17.88
CA SER A 443 19.52 27.90 -18.84
C SER A 443 18.63 26.92 -19.56
N ILE A 444 17.34 27.10 -19.36
CA ILE A 444 16.33 26.24 -19.95
C ILE A 444 15.80 26.97 -21.17
N THR A 445 15.98 26.40 -22.35
CA THR A 445 15.41 26.99 -23.55
C THR A 445 14.68 25.87 -24.24
N GLY A 446 13.63 26.23 -24.98
CA GLY A 446 12.84 25.24 -25.72
C GLY A 446 11.89 24.36 -24.92
N LEU A 447 11.47 24.81 -23.76
CA LEU A 447 10.55 24.04 -22.93
C LEU A 447 9.11 24.24 -23.38
N SER A 448 8.41 23.12 -23.62
CA SER A 448 7.02 23.15 -24.05
C SER A 448 6.21 22.45 -22.98
N THR A 449 5.03 22.99 -22.68
CA THR A 449 4.17 22.41 -21.69
C THR A 449 2.75 22.49 -22.19
N SER A 450 1.79 22.15 -21.35
CA SER A 450 0.38 22.24 -21.70
C SER A 450 -0.25 23.42 -21.02
N LEU A 451 0.56 24.21 -20.32
CA LEU A 451 0.03 25.38 -19.65
C LEU A 451 -0.51 26.40 -20.65
N PRO A 452 -1.81 26.64 -20.61
CA PRO A 452 -2.37 27.63 -21.53
C PRO A 452 -1.62 28.97 -21.46
N THR A 453 -1.81 29.81 -22.47
CA THR A 453 -1.14 31.10 -22.51
C THR A 453 -1.45 31.88 -21.25
N GLY A 454 -0.40 32.48 -20.69
CA GLY A 454 -0.55 33.27 -19.48
C GLY A 454 0.77 33.21 -18.74
N SER A 455 0.96 34.09 -17.76
CA SER A 455 2.18 34.08 -16.97
C SER A 455 1.90 33.33 -15.66
N TYR A 456 2.80 32.44 -15.25
CA TYR A 456 2.59 31.65 -14.02
C TYR A 456 3.56 31.93 -12.84
N THR A 457 3.07 31.75 -11.63
CA THR A 457 3.86 31.97 -10.43
C THR A 457 4.22 30.66 -9.77
N ASP A 458 5.42 30.60 -9.17
CA ASP A 458 5.87 29.40 -8.47
C ASP A 458 4.87 29.20 -7.32
N VAL A 459 4.37 27.98 -7.19
CA VAL A 459 3.42 27.71 -6.13
C VAL A 459 4.16 27.67 -4.82
N LEU A 460 5.47 27.48 -4.88
CA LEU A 460 6.32 27.44 -3.69
C LEU A 460 6.67 28.84 -3.21
N GLY A 461 6.24 29.86 -3.96
CA GLY A 461 6.53 31.22 -3.56
C GLY A 461 8.03 31.49 -3.55
N GLY A 462 8.82 30.62 -4.15
CA GLY A 462 10.25 30.83 -4.20
C GLY A 462 10.99 30.34 -2.99
N VAL A 463 10.34 29.60 -2.10
CA VAL A 463 11.04 29.10 -0.91
C VAL A 463 12.19 28.18 -1.33
N LEU A 464 12.01 27.48 -2.45
CA LEU A 464 13.04 26.59 -2.98
C LEU A 464 13.64 27.20 -4.25
N ASN A 465 13.87 28.51 -4.20
CA ASN A 465 14.44 29.28 -5.30
C ASN A 465 13.73 29.16 -6.64
N GLY A 466 12.41 29.03 -6.58
CA GLY A 466 11.62 28.93 -7.79
C GLY A 466 11.34 30.30 -8.37
N ASN A 467 11.18 30.31 -9.69
CA ASN A 467 10.89 31.55 -10.41
C ASN A 467 9.50 31.48 -11.00
N ASN A 468 9.11 32.53 -11.72
CA ASN A 468 7.81 32.56 -12.36
C ASN A 468 8.05 32.50 -13.86
N ILE A 469 7.06 32.05 -14.60
CA ILE A 469 7.22 31.90 -16.02
C ILE A 469 6.10 32.47 -16.86
N THR A 470 6.27 32.38 -18.18
CA THR A 470 5.29 32.85 -19.14
C THR A 470 5.13 31.77 -20.19
N SER A 471 3.88 31.45 -20.48
CA SER A 471 3.61 30.46 -21.49
C SER A 471 2.94 31.18 -22.62
N THR A 472 3.10 30.63 -23.82
CA THR A 472 2.47 31.20 -24.99
C THR A 472 2.02 29.96 -25.73
N ASN A 473 0.87 29.46 -25.30
CA ASN A 473 0.29 28.24 -25.84
C ASN A 473 1.21 27.07 -25.54
N GLY A 474 1.62 27.00 -24.26
CA GLY A 474 2.49 25.95 -23.80
C GLY A 474 3.95 26.23 -24.03
N SER A 475 4.22 27.19 -24.90
CA SER A 475 5.60 27.55 -25.19
C SER A 475 6.13 28.47 -24.09
N ILE A 476 6.99 27.92 -23.25
CA ILE A 476 7.57 28.68 -22.15
C ILE A 476 8.78 29.43 -22.63
N ASN A 477 8.90 30.68 -22.18
CA ASN A 477 10.02 31.53 -22.55
C ASN A 477 11.26 31.09 -21.80
N ASN A 478 12.42 31.22 -22.43
CA ASN A 478 13.67 30.83 -21.83
C ASN A 478 13.81 31.41 -20.44
N PHE A 479 14.39 30.63 -19.54
CA PHE A 479 14.59 31.07 -18.16
C PHE A 479 15.71 30.30 -17.52
N THR A 480 16.15 30.80 -16.37
CA THR A 480 17.21 30.15 -15.67
C THR A 480 16.68 29.51 -14.41
N LEU A 481 16.93 28.19 -14.28
CA LEU A 481 16.53 27.43 -13.10
C LEU A 481 17.75 27.53 -12.20
N ALA A 482 17.61 28.34 -11.15
CA ALA A 482 18.67 28.60 -10.17
C ALA A 482 19.24 27.33 -9.59
N ALA A 483 20.40 27.43 -8.90
CA ALA A 483 20.99 26.24 -8.31
C ALA A 483 20.10 25.65 -7.22
N GLY A 484 20.01 24.32 -7.17
CA GLY A 484 19.17 23.67 -6.14
C GLY A 484 17.74 24.21 -6.17
N ALA A 485 17.32 24.72 -7.31
CA ALA A 485 15.99 25.27 -7.42
C ALA A 485 14.94 24.24 -7.75
N THR A 486 13.71 24.58 -7.44
CA THR A 486 12.58 23.73 -7.75
C THR A 486 11.36 24.59 -7.63
N ALA A 487 10.67 24.69 -8.76
CA ALA A 487 9.48 25.49 -8.91
C ALA A 487 8.32 24.64 -9.40
N VAL A 488 7.11 24.99 -8.97
CA VAL A 488 5.92 24.26 -9.36
C VAL A 488 4.96 25.27 -9.97
N TRP A 489 4.51 25.00 -11.19
CA TRP A 489 3.58 25.89 -11.85
C TRP A 489 2.33 25.07 -12.15
N GLN A 490 1.17 25.69 -12.13
CA GLN A 490 -0.06 24.94 -12.37
C GLN A 490 -1.19 25.72 -13.01
N TYR A 491 -2.20 24.98 -13.44
CA TYR A 491 -3.36 25.53 -14.08
C TYR A 491 -4.54 24.59 -13.84
N THR A 492 -5.61 25.12 -13.24
CA THR A 492 -6.76 24.29 -12.95
C THR A 492 -8.06 24.88 -13.46
N THR A 493 -8.91 24.02 -14.02
CA THR A 493 -10.18 24.47 -14.51
C THR A 493 -11.25 23.41 -14.34
N ALA A 494 -12.50 23.85 -14.34
CA ALA A 494 -13.64 22.97 -14.22
C ALA A 494 -13.72 22.04 -15.40
N GLU A 495 -13.87 20.74 -15.14
CA GLU A 495 -13.98 19.79 -16.24
C GLU A 495 -15.44 19.76 -16.73
N THR A 496 -15.60 19.59 -18.03
CA THR A 496 -16.93 19.59 -18.58
C THR A 496 -17.37 18.23 -19.14
N THR A 497 -16.42 17.34 -19.30
CA THR A 497 -16.71 16.00 -19.81
C THR A 497 -16.47 14.99 -18.69
N PRO A 498 -17.32 13.94 -18.62
CA PRO A 498 -17.09 12.95 -17.56
C PRO A 498 -15.71 12.34 -17.79
N THR A 499 -14.86 12.42 -16.78
CA THR A 499 -13.52 11.86 -16.88
C THR A 499 -13.12 11.20 -15.55
N ILE A 500 -12.87 9.89 -15.60
CA ILE A 500 -12.52 9.07 -14.43
C ILE A 500 -11.08 9.21 -13.88
N GLY A 501 -10.97 9.67 -12.64
CA GLY A 501 -9.66 9.83 -12.02
C GLY A 501 -9.17 8.59 -11.31
N HIS A 502 -10.08 7.86 -10.69
CA HIS A 502 -9.72 6.66 -9.96
C HIS A 502 -10.98 5.87 -9.64
N VAL A 503 -10.82 4.56 -9.53
CA VAL A 503 -11.91 3.66 -9.17
C VAL A 503 -11.36 2.84 -8.00
N GLY A 504 -12.13 2.67 -6.93
CA GLY A 504 -11.60 1.89 -5.84
C GLY A 504 -12.65 1.23 -4.97
N PRO A 505 -12.52 -0.05 -4.59
CA PRO A 505 -11.41 -0.92 -4.95
C PRO A 505 -11.60 -1.35 -6.39
N VAL A 506 -10.65 -2.07 -6.95
CA VAL A 506 -10.75 -2.51 -8.33
C VAL A 506 -10.89 -4.04 -8.41
N MET A 507 -11.52 -4.60 -7.39
CA MET A 507 -11.78 -6.02 -7.28
C MET A 507 -13.00 -6.13 -6.41
N GLY A 508 -13.85 -7.11 -6.70
CA GLY A 508 -15.05 -7.31 -5.92
C GLY A 508 -15.97 -8.29 -6.60
N LYS A 509 -16.96 -8.78 -5.86
CA LYS A 509 -17.94 -9.68 -6.40
C LYS A 509 -19.22 -8.87 -6.52
N PRO A 510 -20.20 -9.39 -7.28
CA PRO A 510 -21.48 -8.71 -7.47
C PRO A 510 -22.14 -8.35 -6.14
N GLY A 511 -22.55 -7.10 -6.01
CA GLY A 511 -23.20 -6.67 -4.79
C GLY A 511 -22.38 -5.63 -4.06
N ASN A 512 -21.07 -5.69 -4.27
CA ASN A 512 -20.15 -4.77 -3.63
C ASN A 512 -20.32 -3.38 -4.19
N VAL A 513 -19.99 -2.38 -3.38
CA VAL A 513 -20.09 -1.00 -3.82
C VAL A 513 -18.67 -0.48 -4.05
N VAL A 514 -18.43 0.06 -5.23
CA VAL A 514 -17.14 0.61 -5.57
C VAL A 514 -17.33 2.10 -5.76
N THR A 515 -16.23 2.84 -5.57
CA THR A 515 -16.22 4.30 -5.69
C THR A 515 -15.44 4.76 -6.91
N ILE A 516 -16.11 5.53 -7.78
CA ILE A 516 -15.46 6.08 -8.98
C ILE A 516 -15.31 7.59 -8.75
N ASP A 517 -14.07 8.08 -8.72
CA ASP A 517 -13.77 9.49 -8.50
C ASP A 517 -13.25 10.11 -9.79
N GLY A 518 -13.55 11.38 -10.02
CA GLY A 518 -13.10 12.02 -11.23
C GLY A 518 -13.62 13.43 -11.34
N ARG A 519 -13.96 13.85 -12.55
CA ARG A 519 -14.47 15.21 -12.81
C ARG A 519 -15.48 15.15 -13.97
N GLY A 520 -16.38 16.12 -14.03
CA GLY A 520 -17.33 16.17 -15.12
C GLY A 520 -18.44 15.15 -15.16
N PHE A 521 -18.63 14.38 -14.10
CA PHE A 521 -19.71 13.40 -14.08
C PHE A 521 -21.07 14.05 -14.12
N GLY A 522 -21.11 15.33 -13.76
CA GLY A 522 -22.37 16.03 -13.72
C GLY A 522 -23.08 15.61 -12.45
N SER A 523 -24.22 16.21 -12.16
CA SER A 523 -25.00 15.89 -10.97
C SER A 523 -26.25 15.08 -11.30
N THR A 524 -26.43 14.81 -12.58
CA THR A 524 -27.59 14.05 -13.05
C THR A 524 -27.17 12.63 -13.33
N LYS A 525 -27.67 11.76 -12.44
CA LYS A 525 -27.39 10.34 -12.44
C LYS A 525 -27.55 9.71 -13.81
N GLY A 526 -26.42 9.28 -14.36
CA GLY A 526 -26.42 8.66 -15.66
C GLY A 526 -26.27 7.17 -15.56
N THR A 527 -25.39 6.63 -16.40
CA THR A 527 -25.15 5.20 -16.46
C THR A 527 -23.68 4.84 -16.28
N VAL A 528 -23.42 3.72 -15.58
CA VAL A 528 -22.05 3.27 -15.35
C VAL A 528 -21.87 1.99 -16.17
N TYR A 529 -20.74 1.85 -16.83
CA TYR A 529 -20.52 0.70 -17.68
C TYR A 529 -19.49 -0.29 -17.20
N PHE A 530 -19.90 -1.55 -17.11
CA PHE A 530 -18.98 -2.60 -16.74
C PHE A 530 -18.82 -3.44 -17.98
N GLY A 531 -17.88 -3.01 -18.80
CA GLY A 531 -17.64 -3.68 -20.05
C GLY A 531 -18.74 -3.17 -20.96
N THR A 532 -19.72 -4.03 -21.20
CA THR A 532 -20.82 -3.72 -22.09
C THR A 532 -22.10 -3.49 -21.32
N THR A 533 -22.10 -3.99 -20.09
CA THR A 533 -23.22 -3.88 -19.21
C THR A 533 -23.37 -2.47 -18.64
N ALA A 534 -24.55 -1.88 -18.84
CA ALA A 534 -24.84 -0.55 -18.33
C ALA A 534 -25.59 -0.72 -17.03
N VAL A 535 -25.08 -0.06 -15.99
CA VAL A 535 -25.65 -0.07 -14.65
C VAL A 535 -26.30 1.28 -14.44
N THR A 536 -27.61 1.24 -14.25
CA THR A 536 -28.40 2.44 -14.08
C THR A 536 -29.38 2.32 -12.94
N GLY A 537 -29.93 3.46 -12.55
CA GLY A 537 -30.94 3.46 -11.52
C GLY A 537 -30.45 3.40 -10.09
N ALA A 538 -31.15 2.61 -9.29
CA ALA A 538 -30.86 2.45 -7.87
C ALA A 538 -29.56 1.74 -7.57
N ALA A 539 -28.99 1.12 -8.61
CA ALA A 539 -27.71 0.43 -8.48
C ALA A 539 -26.61 1.47 -8.27
N ILE A 540 -26.80 2.64 -8.86
CA ILE A 540 -25.87 3.75 -8.70
C ILE A 540 -26.34 4.39 -7.40
N THR A 541 -25.71 4.05 -6.29
CA THR A 541 -26.12 4.56 -4.98
C THR A 541 -25.89 6.05 -4.72
N SER A 542 -25.15 6.71 -5.59
CA SER A 542 -24.93 8.15 -5.47
C SER A 542 -24.30 8.63 -6.75
N TRP A 543 -24.52 9.90 -7.07
CA TRP A 543 -23.95 10.47 -8.28
C TRP A 543 -23.74 11.95 -8.15
N GLU A 544 -22.48 12.36 -8.14
CA GLU A 544 -22.18 13.76 -8.10
C GLU A 544 -21.02 14.03 -9.03
N ASP A 545 -20.69 15.31 -9.20
CA ASP A 545 -19.64 15.67 -10.14
C ASP A 545 -18.31 14.99 -10.01
N THR A 546 -17.86 14.69 -8.79
CA THR A 546 -16.55 14.07 -8.62
C THR A 546 -16.51 12.66 -8.05
N GLN A 547 -17.67 12.10 -7.75
CA GLN A 547 -17.72 10.78 -7.18
C GLN A 547 -19.01 10.07 -7.40
N ILE A 548 -18.93 8.80 -7.79
CA ILE A 548 -20.10 7.98 -8.02
C ILE A 548 -19.85 6.67 -7.29
N LYS A 549 -20.83 6.23 -6.49
CA LYS A 549 -20.74 4.96 -5.79
C LYS A 549 -21.68 4.08 -6.57
N VAL A 550 -21.22 2.92 -6.99
CA VAL A 550 -22.04 2.04 -7.78
C VAL A 550 -21.90 0.58 -7.40
N THR A 551 -23.00 -0.14 -7.48
CA THR A 551 -23.05 -1.56 -7.16
C THR A 551 -22.59 -2.43 -8.32
N ILE A 552 -21.63 -3.30 -8.05
CA ILE A 552 -21.13 -4.19 -9.08
C ILE A 552 -22.24 -5.14 -9.50
N PRO A 553 -22.57 -5.11 -10.79
CA PRO A 553 -23.61 -5.92 -11.43
C PRO A 553 -23.32 -7.41 -11.48
N SER A 554 -24.35 -8.21 -11.73
CA SER A 554 -24.19 -9.64 -11.83
C SER A 554 -23.81 -9.98 -13.26
N VAL A 555 -22.53 -9.86 -13.60
CA VAL A 555 -22.02 -10.18 -14.92
C VAL A 555 -21.03 -11.30 -14.67
N ALA A 556 -20.53 -11.92 -15.73
CA ALA A 556 -19.59 -13.02 -15.61
C ALA A 556 -18.28 -12.59 -14.96
N ALA A 557 -17.71 -13.48 -14.15
CA ALA A 557 -16.45 -13.18 -13.47
C ALA A 557 -15.46 -12.89 -14.57
N GLY A 558 -14.66 -11.85 -14.38
CA GLY A 558 -13.68 -11.53 -15.39
C GLY A 558 -13.07 -10.16 -15.27
N ASN A 559 -12.40 -9.75 -16.34
CA ASN A 559 -11.72 -8.46 -16.38
C ASN A 559 -12.53 -7.46 -17.14
N TYR A 560 -12.69 -6.28 -16.57
CA TYR A 560 -13.52 -5.26 -17.20
C TYR A 560 -12.93 -3.88 -17.20
N ALA A 561 -13.57 -3.00 -17.98
CA ALA A 561 -13.20 -1.60 -18.09
C ALA A 561 -14.41 -0.80 -17.65
N VAL A 562 -14.17 0.19 -16.79
CA VAL A 562 -15.21 1.02 -16.25
C VAL A 562 -15.27 2.31 -17.04
N LYS A 563 -16.47 2.63 -17.50
CA LYS A 563 -16.73 3.80 -18.32
C LYS A 563 -17.92 4.46 -17.68
N VAL A 564 -17.95 5.79 -17.73
CA VAL A 564 -19.09 6.51 -17.17
C VAL A 564 -19.68 7.38 -18.26
N ALA A 565 -20.94 7.15 -18.58
CA ALA A 565 -21.58 7.95 -19.60
C ALA A 565 -22.43 8.99 -18.91
N ALA A 566 -22.00 10.24 -19.02
CA ALA A 566 -22.72 11.32 -18.38
C ALA A 566 -23.27 12.26 -19.42
N SER A 567 -24.61 12.32 -19.43
CA SER A 567 -25.37 13.17 -20.34
C SER A 567 -25.00 12.90 -21.81
N GLY A 568 -25.04 11.62 -22.19
CA GLY A 568 -24.73 11.24 -23.55
C GLY A 568 -23.25 11.21 -23.88
N VAL A 569 -22.40 11.80 -23.04
CA VAL A 569 -20.96 11.76 -23.30
C VAL A 569 -20.33 10.58 -22.54
N ASN A 570 -19.55 9.77 -23.24
CA ASN A 570 -18.87 8.65 -22.60
C ASN A 570 -17.46 9.07 -22.13
N SER A 571 -17.07 8.67 -20.92
CA SER A 571 -15.75 9.02 -20.38
C SER A 571 -14.63 8.06 -20.81
N ASN A 572 -13.46 8.23 -20.22
CA ASN A 572 -12.33 7.34 -20.48
C ASN A 572 -12.57 6.03 -19.75
N ALA A 573 -12.06 4.93 -20.28
CA ALA A 573 -12.24 3.63 -19.65
C ALA A 573 -11.18 3.40 -18.59
N TYR A 574 -11.60 2.96 -17.41
CA TYR A 574 -10.67 2.68 -16.34
C TYR A 574 -10.55 1.18 -16.45
N ASN A 575 -9.42 0.72 -16.95
CA ASN A 575 -9.19 -0.70 -17.16
C ASN A 575 -8.91 -1.59 -15.97
N ASN A 576 -8.79 -2.86 -16.27
CA ASN A 576 -8.47 -3.90 -15.32
C ASN A 576 -9.24 -3.90 -14.03
N PHE A 577 -10.57 -3.89 -14.14
CA PHE A 577 -11.39 -3.96 -12.96
C PHE A 577 -11.80 -5.44 -12.87
N THR A 578 -11.39 -6.13 -11.81
CA THR A 578 -11.69 -7.56 -11.61
C THR A 578 -12.99 -7.88 -10.88
N ILE A 579 -13.89 -8.60 -11.57
CA ILE A 579 -15.15 -9.01 -11.00
C ILE A 579 -14.98 -10.47 -10.69
N LEU A 580 -15.24 -10.82 -9.44
CA LEU A 580 -15.09 -12.19 -8.97
C LEU A 580 -16.37 -12.96 -9.16
N THR A 581 -16.28 -14.27 -9.02
CA THR A 581 -17.45 -15.15 -9.17
C THR A 581 -18.42 -14.95 -8.02
N GLY A 582 -17.87 -14.66 -6.84
CA GLY A 582 -18.69 -14.46 -5.66
C GLY A 582 -17.76 -14.45 -4.47
N ASP A 583 -18.23 -14.92 -3.31
CA ASP A 583 -17.33 -14.97 -2.14
C ASP A 583 -16.21 -15.96 -2.42
N GLN A 584 -15.07 -15.75 -1.77
CA GLN A 584 -13.89 -16.59 -1.94
C GLN A 584 -13.63 -17.44 -0.70
N VAL A 585 -12.80 -18.45 -0.87
CA VAL A 585 -12.36 -19.35 0.20
C VAL A 585 -10.98 -19.71 -0.30
N THR A 586 -10.05 -20.10 0.56
CA THR A 586 -8.74 -20.41 0.03
C THR A 586 -8.54 -21.89 -0.01
N VAL A 587 -8.33 -22.43 -1.21
CA VAL A 587 -8.09 -23.86 -1.36
C VAL A 587 -6.65 -24.16 -1.77
N ARG A 588 -6.05 -25.15 -1.12
CA ARG A 588 -4.69 -25.55 -1.45
C ARG A 588 -4.78 -26.73 -2.40
N PHE A 589 -4.22 -26.58 -3.60
CA PHE A 589 -4.23 -27.63 -4.58
C PHE A 589 -2.93 -28.36 -4.52
N VAL A 590 -2.99 -29.68 -4.42
CA VAL A 590 -1.78 -30.49 -4.35
C VAL A 590 -1.87 -31.55 -5.45
N VAL A 591 -0.76 -31.75 -6.17
CA VAL A 591 -0.69 -32.73 -7.23
C VAL A 591 0.53 -33.66 -7.05
N ASN A 592 0.27 -34.97 -7.06
CA ASN A 592 1.36 -35.91 -6.91
C ASN A 592 1.93 -36.37 -8.23
N ASN A 593 3.19 -36.76 -8.19
CA ASN A 593 3.87 -37.30 -9.36
C ASN A 593 3.99 -36.42 -10.58
N ALA A 594 3.95 -35.11 -10.40
CA ALA A 594 4.11 -34.23 -11.53
C ALA A 594 5.60 -33.95 -11.75
N SER A 595 6.36 -34.95 -12.21
CA SER A 595 7.79 -34.76 -12.48
C SER A 595 7.92 -33.88 -13.73
N THR A 596 8.99 -33.10 -13.79
CA THR A 596 9.21 -32.17 -14.89
C THR A 596 10.64 -32.19 -15.43
N THR A 597 10.86 -31.30 -16.38
CA THR A 597 12.14 -31.17 -17.05
C THR A 597 12.87 -29.93 -16.59
N LEU A 598 14.16 -29.88 -16.85
CA LEU A 598 14.94 -28.73 -16.46
C LEU A 598 14.25 -27.46 -16.99
N GLY A 599 13.80 -26.61 -16.08
CA GLY A 599 13.17 -25.36 -16.48
C GLY A 599 11.69 -25.42 -16.77
N GLN A 600 11.08 -26.56 -16.50
CA GLN A 600 9.66 -26.69 -16.76
C GLN A 600 8.93 -26.42 -15.48
N ASN A 601 7.83 -25.69 -15.56
CA ASN A 601 7.04 -25.40 -14.36
C ASN A 601 5.62 -25.89 -14.44
N LEU A 602 5.03 -26.10 -13.28
CA LEU A 602 3.66 -26.58 -13.18
C LEU A 602 2.67 -25.46 -12.88
N TYR A 603 1.56 -25.40 -13.62
CA TYR A 603 0.55 -24.38 -13.39
C TYR A 603 -0.77 -25.02 -13.15
N LEU A 604 -1.82 -24.20 -13.11
CA LEU A 604 -3.14 -24.72 -12.83
C LEU A 604 -4.15 -23.82 -13.50
N THR A 605 -5.24 -24.40 -13.99
CA THR A 605 -6.28 -23.61 -14.66
C THR A 605 -7.60 -24.36 -14.56
N GLY A 606 -8.71 -23.66 -14.63
CA GLY A 606 -9.98 -24.35 -14.49
C GLY A 606 -11.16 -23.57 -15.00
N ASN A 607 -12.35 -24.07 -14.75
CA ASN A 607 -13.55 -23.41 -15.26
C ASN A 607 -14.15 -22.17 -14.58
N VAL A 608 -13.34 -21.39 -13.86
CA VAL A 608 -13.84 -20.16 -13.23
C VAL A 608 -12.80 -19.08 -13.49
N ALA A 609 -13.23 -17.83 -13.54
CA ALA A 609 -12.30 -16.75 -13.84
C ALA A 609 -11.13 -16.76 -12.87
N GLU A 610 -11.41 -17.17 -11.63
CA GLU A 610 -10.38 -17.21 -10.60
C GLU A 610 -9.28 -18.20 -10.94
N LEU A 611 -9.61 -19.23 -11.72
CA LEU A 611 -8.65 -20.23 -12.16
C LEU A 611 -8.14 -19.94 -13.58
N GLY A 612 -8.50 -18.79 -14.12
CA GLY A 612 -8.07 -18.41 -15.45
C GLY A 612 -8.99 -18.76 -16.61
N ASN A 613 -10.08 -19.48 -16.34
CA ASN A 613 -11.03 -19.91 -17.37
C ASN A 613 -10.30 -20.63 -18.47
N TRP A 614 -9.69 -21.76 -18.12
CA TRP A 614 -8.95 -22.58 -19.09
C TRP A 614 -7.80 -21.92 -19.83
N SER A 615 -7.36 -20.76 -19.36
CA SER A 615 -6.23 -20.08 -19.98
C SER A 615 -4.90 -20.70 -19.54
N THR A 616 -3.87 -20.60 -20.37
CA THR A 616 -2.54 -21.13 -20.03
C THR A 616 -1.59 -19.96 -20.03
N GLY A 617 -2.15 -18.77 -20.15
CA GLY A 617 -1.34 -17.58 -20.15
C GLY A 617 -1.14 -16.99 -18.77
N SER A 618 -1.05 -15.68 -18.73
CA SER A 618 -0.83 -14.98 -17.49
C SER A 618 -1.96 -15.06 -16.50
N THR A 619 -3.07 -15.66 -16.87
CA THR A 619 -4.18 -15.77 -15.92
C THR A 619 -4.23 -17.13 -15.25
N ALA A 620 -3.41 -18.07 -15.70
CA ALA A 620 -3.36 -19.38 -15.09
C ALA A 620 -2.65 -19.21 -13.75
N ILE A 621 -2.86 -20.17 -12.87
CA ILE A 621 -2.28 -20.14 -11.56
C ILE A 621 -0.94 -20.86 -11.52
N GLY A 622 0.05 -20.22 -10.91
CA GLY A 622 1.35 -20.81 -10.80
C GLY A 622 2.46 -19.79 -11.02
N PRO A 623 3.72 -20.23 -11.10
CA PRO A 623 4.10 -21.64 -10.97
C PRO A 623 3.89 -22.16 -9.57
N ALA A 624 3.48 -23.42 -9.47
CA ALA A 624 3.22 -24.02 -8.18
C ALA A 624 4.50 -24.19 -7.42
N PHE A 625 4.40 -24.40 -6.12
CA PHE A 625 5.59 -24.58 -5.29
C PHE A 625 5.95 -26.06 -5.14
N ASN A 626 7.20 -26.35 -4.80
CA ASN A 626 7.61 -27.74 -4.67
C ASN A 626 8.73 -28.00 -3.67
N GLN A 627 8.82 -27.19 -2.60
CA GLN A 627 9.90 -27.34 -1.61
C GLN A 627 9.53 -27.46 -0.15
N VAL A 628 8.83 -26.46 0.39
CA VAL A 628 8.49 -26.45 1.81
C VAL A 628 7.36 -27.33 2.28
N ILE A 629 6.11 -26.93 2.06
CA ILE A 629 4.98 -27.73 2.51
C ILE A 629 4.96 -29.10 1.84
N HIS A 630 5.34 -29.16 0.56
CA HIS A 630 5.37 -30.42 -0.19
C HIS A 630 6.57 -30.42 -1.10
N GLN A 631 7.22 -31.56 -1.22
CA GLN A 631 8.43 -31.68 -2.04
C GLN A 631 8.24 -32.36 -3.38
N TYR A 632 8.95 -31.84 -4.39
CA TYR A 632 8.96 -32.37 -5.75
C TYR A 632 9.16 -33.89 -5.68
N PRO A 633 8.46 -34.64 -6.55
CA PRO A 633 7.49 -34.21 -7.57
C PRO A 633 6.04 -33.93 -7.12
N THR A 634 5.84 -33.52 -5.86
CA THR A 634 4.51 -33.12 -5.39
C THR A 634 4.60 -31.60 -5.41
N TRP A 635 3.62 -30.95 -6.02
CA TRP A 635 3.58 -29.47 -6.12
C TRP A 635 2.33 -29.02 -5.40
N TYR A 636 2.27 -27.77 -4.98
CA TYR A 636 1.07 -27.31 -4.29
C TYR A 636 0.92 -25.83 -4.49
N TYR A 637 -0.25 -25.30 -4.20
CA TYR A 637 -0.47 -23.87 -4.34
C TYR A 637 -1.79 -23.42 -3.75
N ASP A 638 -1.75 -22.32 -3.02
CA ASP A 638 -2.92 -21.75 -2.38
C ASP A 638 -3.55 -20.73 -3.33
N VAL A 639 -4.82 -20.96 -3.62
CA VAL A 639 -5.54 -20.15 -4.58
C VAL A 639 -6.85 -19.58 -4.04
N SER A 640 -7.14 -18.31 -4.26
CA SER A 640 -8.43 -17.77 -3.80
C SER A 640 -9.36 -18.30 -4.86
N VAL A 641 -10.51 -18.79 -4.45
CA VAL A 641 -11.42 -19.44 -5.39
C VAL A 641 -12.88 -19.32 -4.89
N PRO A 642 -13.88 -19.23 -5.79
CA PRO A 642 -15.27 -19.10 -5.32
C PRO A 642 -15.77 -20.15 -4.34
N ALA A 643 -16.62 -19.70 -3.41
CA ALA A 643 -17.18 -20.55 -2.36
C ALA A 643 -18.38 -21.39 -2.76
N GLY A 644 -18.40 -22.61 -2.25
CA GLY A 644 -19.49 -23.51 -2.52
C GLY A 644 -19.82 -23.69 -4.00
N LYS A 645 -18.78 -23.73 -4.84
CA LYS A 645 -18.96 -23.90 -6.28
C LYS A 645 -18.17 -25.14 -6.71
N GLN A 646 -18.69 -25.85 -7.72
CA GLN A 646 -18.01 -27.02 -8.25
C GLN A 646 -17.10 -26.58 -9.39
N LEU A 647 -15.82 -26.83 -9.20
CA LEU A 647 -14.82 -26.44 -10.15
C LEU A 647 -14.29 -27.67 -10.82
N GLU A 648 -13.84 -27.46 -12.06
CA GLU A 648 -13.20 -28.48 -12.88
C GLU A 648 -11.85 -27.83 -13.08
N PHE A 649 -10.79 -28.61 -13.02
CA PHE A 649 -9.49 -28.01 -13.15
C PHE A 649 -8.50 -29.03 -13.64
N LYS A 650 -7.40 -28.55 -14.20
CA LYS A 650 -6.34 -29.42 -14.70
C LYS A 650 -5.00 -28.71 -14.57
N PHE A 651 -3.94 -29.47 -14.33
CA PHE A 651 -2.62 -28.92 -14.23
C PHE A 651 -1.95 -29.05 -15.60
N PHE A 652 -0.98 -28.19 -15.87
CA PHE A 652 -0.23 -28.23 -17.12
C PHE A 652 1.23 -27.80 -16.94
N LYS A 653 2.14 -28.42 -17.68
CA LYS A 653 3.57 -28.10 -17.60
C LYS A 653 3.86 -27.13 -18.70
N LYS A 654 4.76 -26.20 -18.43
CA LYS A 654 5.09 -25.19 -19.42
C LYS A 654 6.45 -24.64 -19.11
N ASN A 655 7.29 -24.67 -20.12
CA ASN A 655 8.66 -24.16 -20.01
C ASN A 655 8.69 -22.94 -20.91
N GLY A 656 8.92 -23.17 -22.20
CA GLY A 656 8.93 -22.09 -23.15
C GLY A 656 7.54 -21.95 -23.77
N SER A 657 7.40 -22.57 -24.92
CA SER A 657 6.15 -22.54 -25.67
C SER A 657 5.26 -23.76 -25.39
N THR A 658 5.90 -24.93 -25.43
CA THR A 658 5.21 -26.17 -25.26
C THR A 658 4.43 -26.33 -23.97
N ILE A 659 3.13 -26.53 -24.13
CA ILE A 659 2.22 -26.73 -23.03
C ILE A 659 1.82 -28.19 -23.04
N THR A 660 2.07 -28.89 -21.94
CA THR A 660 1.65 -30.27 -21.87
C THR A 660 0.64 -30.41 -20.72
N TRP A 661 -0.58 -30.83 -21.07
CA TRP A 661 -1.67 -30.97 -20.12
C TRP A 661 -1.72 -32.34 -19.51
N GLU A 662 -2.61 -32.47 -18.55
CA GLU A 662 -2.85 -33.74 -17.92
C GLU A 662 -3.82 -34.39 -18.86
N SER A 663 -3.69 -35.69 -19.02
CA SER A 663 -4.61 -36.43 -19.86
C SER A 663 -5.83 -36.67 -18.99
N GLY A 664 -6.62 -37.67 -19.34
CA GLY A 664 -7.82 -37.97 -18.57
C GLY A 664 -8.83 -36.85 -18.60
N SER A 665 -9.87 -37.01 -17.79
CA SER A 665 -10.91 -35.99 -17.70
C SER A 665 -10.44 -34.95 -16.68
N ASN A 666 -11.13 -33.83 -16.64
CA ASN A 666 -10.78 -32.78 -15.69
C ASN A 666 -10.98 -33.32 -14.29
N HIS A 667 -10.28 -32.70 -13.36
CA HIS A 667 -10.38 -33.04 -11.95
C HIS A 667 -11.52 -32.20 -11.49
N THR A 668 -12.21 -32.65 -10.45
CA THR A 668 -13.32 -31.90 -9.89
C THR A 668 -13.24 -31.84 -8.37
N PHE A 669 -13.85 -30.79 -7.86
CA PHE A 669 -13.83 -30.50 -6.45
C PHE A 669 -14.93 -29.49 -6.23
N THR A 670 -15.59 -29.57 -5.08
CA THR A 670 -16.63 -28.59 -4.79
C THR A 670 -16.10 -27.85 -3.59
N THR A 671 -15.77 -26.58 -3.78
CA THR A 671 -15.20 -25.74 -2.74
C THR A 671 -16.17 -25.53 -1.59
N PRO A 672 -15.64 -25.30 -0.38
CA PRO A 672 -16.44 -25.08 0.84
C PRO A 672 -17.24 -23.80 0.82
N ALA A 673 -18.24 -23.73 1.69
CA ALA A 673 -19.09 -22.55 1.79
C ALA A 673 -18.34 -21.39 2.42
N SER A 674 -17.37 -21.72 3.28
CA SER A 674 -16.57 -20.72 3.95
C SER A 674 -15.26 -21.31 4.42
N GLY A 675 -14.34 -20.45 4.83
CA GLY A 675 -13.06 -20.88 5.35
C GLY A 675 -12.07 -21.36 4.33
N THR A 676 -11.47 -22.53 4.61
CA THR A 676 -10.46 -23.10 3.71
C THR A 676 -10.58 -24.62 3.50
N ALA A 677 -9.84 -25.15 2.52
CA ALA A 677 -9.83 -26.58 2.21
C ALA A 677 -8.57 -26.97 1.44
N THR A 678 -8.38 -28.28 1.28
CA THR A 678 -7.25 -28.83 0.56
C THR A 678 -7.77 -29.94 -0.34
N VAL A 679 -7.31 -29.98 -1.57
CA VAL A 679 -7.73 -31.01 -2.50
C VAL A 679 -6.51 -31.63 -3.14
N THR A 680 -6.30 -32.92 -2.94
CA THR A 680 -5.14 -33.55 -3.53
C THR A 680 -5.48 -34.44 -4.70
N VAL A 681 -4.71 -34.28 -5.76
CA VAL A 681 -4.90 -35.06 -6.96
C VAL A 681 -3.56 -35.60 -7.44
N ASN A 682 -3.63 -36.60 -8.29
CA ASN A 682 -2.45 -37.22 -8.86
C ASN A 682 -2.40 -36.82 -10.32
N TRP A 683 -1.19 -36.55 -10.81
CA TRP A 683 -1.05 -36.15 -12.18
C TRP A 683 -1.52 -37.29 -13.10
N GLN A 684 -2.41 -36.95 -14.03
CA GLN A 684 -2.97 -37.88 -14.99
C GLN A 684 -2.08 -37.84 -16.21
#